data_6RPA
#
_entry.id   6RPA
#
_cell.length_a   173.160
_cell.length_b   84.250
_cell.length_c   111.510
_cell.angle_alpha   90.00
_cell.angle_beta   129.81
_cell.angle_gamma   90.00
#
_symmetry.space_group_name_H-M   'C 1 2 1'
#
loop_
_entity.id
_entity.type
_entity.pdbx_description
1 polymer 'HLA class I histocompatibility antigen, A-2 alpha chain'
2 polymer Beta-2-microglobulin
3 polymer 'Heteroclitic NY-ESO-1 157-165 peptide'
4 polymer 'T-cell receptor alpha chain'
5 polymer 'T-cell receptor beta chain'
6 water water
#
loop_
_entity_poly.entity_id
_entity_poly.type
_entity_poly.pdbx_seq_one_letter_code
_entity_poly.pdbx_strand_id
1 'polypeptide(L)'
;MGSHSMRYFFTSVSRPGRGEPRFIAVGYVDDTQFVRFDSDAASQRMEPRAPWIEQEGPEYWDGETRKVKAHSQTHRVDLG
TLRGYYNQSEAGSHTVQRMYGCDVGSDWRFLRGYHQYAYDGKDYIALKEDLRSWTAADMAAQTTKHKWEAAHVAEQLRAY
LEGTCVEWLRRYLENGKETLQRTDAPKTHMTHHAVSDHEATLRCWALSFYPAEITLTWQRDGEDQTQDTELVETRPAGDG
TFQKWAAVVVPSGQEQRYTCHVQHEGLPKPLTLRWEP
;
A
2 'polypeptide(L)'
;MIQRTPKIQVYSRHPAENGKSNFLNCYVSGFHPSDIEVDLLKNGERIEKVEHSDLSFSKDWSFYLLYYTEFTPTEKDEYA
CRVNHVTLSQPKIVKWDRDM
;
B
3 'polypeptide(L)' SLLMWITQV C
4 'polypeptide(L)'
;MAQSVAQPEDQVNVAEGNPLTVKCTYSVSGNPYLFWYVQYPNRGLQFLLKYITGDNLVKGSYGFEAEFNKSQTSFHLKKP
SALVSDSALYFCAVRDINSGAGSYQLTFGKGTKLSVIPNIQNPDPAVYQLRDSDSSDKSVCLFTDFDSQTNVSQSKDSDV
YITDKCVLDMRSMDFKSNSAVAWSNKSDFACANAFNNSIIPEDTFFPSPESS
;
D
5 'polypeptide(L)'
;MSAVISQKPSRDIKQRGTSLTIQCQVDSQVTMMFWYRQQPGQSLTLIATANQGSEATYESGFVIDKFPISRPNLTFSTLT
VSNMSPEDSSIYLCSVGGSGGADTQYFGPGTRLTVLEDLKNVFPPEVAVFEPSEAEISHTQKATLVCLATGFYPDHVELS
WWVNGKEVHSGVCTDPQPLKEQPALNDSRYALSSRLRVSATFWQDPRNHFRCQVQFYGLSENDEWTQDRAKPVTQIVSAE
AWGRAD
;
E
#
# COMPACT_ATOMS: atom_id res chain seq x y z
N GLY A 2 37.53 7.16 -7.47
CA GLY A 2 36.65 5.98 -7.29
C GLY A 2 35.22 6.25 -7.73
N SER A 3 34.60 5.25 -8.37
CA SER A 3 33.16 5.27 -8.69
C SER A 3 32.40 4.65 -7.50
N HIS A 4 31.07 4.76 -7.51
CA HIS A 4 30.24 4.47 -6.32
C HIS A 4 28.85 3.95 -6.63
N SER A 5 28.27 3.17 -5.71
CA SER A 5 26.94 2.58 -5.88
C SER A 5 26.04 2.68 -4.63
N MET A 6 24.73 2.83 -4.85
CA MET A 6 23.73 2.60 -3.80
C MET A 6 22.88 1.43 -4.23
N ARG A 7 22.62 0.50 -3.30
CA ARG A 7 21.85 -0.71 -3.60
C ARG A 7 20.94 -1.09 -2.44
N TYR A 8 19.70 -1.43 -2.77
CA TYR A 8 18.77 -2.01 -1.78
C TYR A 8 18.43 -3.46 -2.16
N PHE A 9 18.49 -4.37 -1.19
CA PHE A 9 18.21 -5.79 -1.38
C PHE A 9 17.05 -6.21 -0.50
N PHE A 10 16.00 -6.77 -1.12
CA PHE A 10 14.81 -7.21 -0.38
C PHE A 10 14.60 -8.72 -0.56
N THR A 11 14.26 -9.41 0.52
CA THR A 11 13.96 -10.85 0.48
C THR A 11 12.66 -11.10 1.23
N SER A 12 11.69 -11.69 0.54
CA SER A 12 10.42 -12.09 1.15
C SER A 12 10.24 -13.60 1.03
N VAL A 13 9.77 -14.24 2.09
CA VAL A 13 9.60 -15.70 2.16
C VAL A 13 8.24 -16.07 2.75
N SER A 14 7.43 -16.82 2.00
CA SER A 14 6.13 -17.33 2.52
C SER A 14 6.31 -18.39 3.60
N ARG A 15 5.50 -18.30 4.66
CA ARG A 15 5.44 -19.30 5.73
C ARG A 15 4.03 -19.88 5.77
N PRO A 16 3.80 -21.11 5.20
CA PRO A 16 2.43 -21.67 5.06
C PRO A 16 1.50 -21.50 6.28
N GLY A 17 0.27 -21.04 6.02
CA GLY A 17 -0.80 -20.99 7.02
C GLY A 17 -0.92 -19.72 7.86
N ARG A 18 -0.89 -19.89 9.19
CA ARG A 18 -1.13 -18.80 10.16
C ARG A 18 0.14 -18.00 10.41
N GLY A 19 -0.03 -16.79 10.93
CA GLY A 19 1.05 -15.83 11.10
C GLY A 19 1.31 -15.16 9.76
N GLU A 20 2.50 -14.57 9.61
CA GLU A 20 2.85 -13.78 8.42
C GLU A 20 4.15 -14.32 7.79
N PRO A 21 4.45 -13.94 6.53
CA PRO A 21 5.76 -14.27 5.91
C PRO A 21 6.95 -13.49 6.52
N ARG A 22 8.17 -13.87 6.15
CA ARG A 22 9.37 -13.12 6.55
C ARG A 22 9.74 -12.07 5.51
N PHE A 23 10.06 -10.86 5.98
CA PHE A 23 10.56 -9.79 5.11
C PHE A 23 11.82 -9.12 5.68
N ILE A 24 12.92 -9.18 4.93
CA ILE A 24 14.18 -8.51 5.28
C ILE A 24 14.57 -7.57 4.15
N ALA A 25 14.86 -6.32 4.49
CA ALA A 25 15.37 -5.34 3.52
C ALA A 25 16.65 -4.79 4.08
N VAL A 26 17.65 -4.57 3.22
CA VAL A 26 18.90 -3.91 3.63
C VAL A 26 19.42 -2.97 2.55
N GLY A 27 19.95 -1.83 2.98
CA GLY A 27 20.53 -0.84 2.06
C GLY A 27 22.03 -0.85 2.15
N TYR A 28 22.68 -0.71 1.00
CA TYR A 28 24.15 -0.67 0.92
C TYR A 28 24.58 0.61 0.20
N VAL A 29 25.68 1.20 0.66
CA VAL A 29 26.45 2.14 -0.17
C VAL A 29 27.80 1.47 -0.41
N ASP A 30 28.13 1.22 -1.68
CA ASP A 30 29.23 0.33 -2.03
C ASP A 30 29.11 -0.99 -1.22
N ASP A 31 30.09 -1.34 -0.37
CA ASP A 31 30.06 -2.57 0.43
C ASP A 31 29.84 -2.31 1.91
N THR A 32 29.18 -1.19 2.23
CA THR A 32 28.85 -0.83 3.62
C THR A 32 27.34 -0.77 3.83
N GLN A 33 26.82 -1.65 4.68
CA GLN A 33 25.38 -1.66 4.99
C GLN A 33 25.04 -0.45 5.84
N PHE A 34 24.07 0.34 5.40
CA PHE A 34 23.62 1.49 6.19
C PHE A 34 22.22 1.37 6.81
N VAL A 35 21.35 0.53 6.28
CA VAL A 35 20.02 0.35 6.86
C VAL A 35 19.52 -1.09 6.82
N ARG A 36 18.45 -1.32 7.57
CA ARG A 36 17.73 -2.58 7.56
C ARG A 36 16.30 -2.41 8.06
N PHE A 37 15.45 -3.33 7.61
CA PHE A 37 14.15 -3.58 8.19
C PHE A 37 14.03 -5.09 8.33
N ASP A 38 13.61 -5.57 9.49
CA ASP A 38 13.27 -6.99 9.68
C ASP A 38 11.86 -7.14 10.26
N SER A 39 11.05 -7.98 9.62
CA SER A 39 9.64 -8.13 10.00
C SER A 39 9.51 -8.84 11.33
N ASP A 40 10.45 -9.73 11.65
CA ASP A 40 10.49 -10.39 12.98
C ASP A 40 11.07 -9.52 14.10
N ALA A 41 11.74 -8.42 13.77
CA ALA A 41 12.21 -7.48 14.77
C ALA A 41 11.05 -6.81 15.51
N ALA A 42 11.32 -6.35 16.73
CA ALA A 42 10.29 -5.69 17.55
C ALA A 42 9.85 -4.33 17.00
N SER A 43 10.80 -3.54 16.50
CA SER A 43 10.56 -2.11 16.28
C SER A 43 9.56 -1.80 15.18
N GLN A 44 9.56 -2.63 14.14
CA GLN A 44 8.77 -2.37 12.94
C GLN A 44 9.10 -1.00 12.41
N ARG A 45 10.39 -0.69 12.38
CA ARG A 45 10.90 0.54 11.79
C ARG A 45 12.16 0.26 11.02
N MET A 46 12.48 1.17 10.10
CA MET A 46 13.70 1.10 9.32
C MET A 46 14.76 1.59 10.28
N GLU A 47 15.82 0.80 10.46
CA GLU A 47 16.81 1.03 11.52
C GLU A 47 18.18 1.36 10.92
N PRO A 48 18.96 2.23 11.61
CA PRO A 48 20.31 2.57 11.15
C PRO A 48 21.30 1.44 11.41
N ARG A 49 22.28 1.30 10.51
CA ARG A 49 23.35 0.30 10.63
C ARG A 49 24.70 0.88 10.20
N ALA A 50 24.87 2.17 10.46
CA ALA A 50 26.08 2.91 10.16
C ALA A 50 25.90 4.25 10.86
N PRO A 51 26.90 4.70 11.65
CA PRO A 51 26.72 5.92 12.46
C PRO A 51 26.43 7.23 11.68
N TRP A 52 26.87 7.28 10.42
CA TRP A 52 26.64 8.44 9.56
C TRP A 52 25.20 8.64 9.06
N ILE A 53 24.36 7.61 9.15
CA ILE A 53 22.94 7.72 8.78
C ILE A 53 22.08 8.13 9.98
N GLU A 54 22.54 7.80 11.19
CA GLU A 54 21.86 8.18 12.45
C GLU A 54 21.50 9.67 12.54
N GLN A 55 22.36 10.53 12.01
CA GLN A 55 22.12 11.98 12.04
C GLN A 55 20.91 12.43 11.20
N GLU A 56 20.36 11.56 10.35
CA GLU A 56 19.13 11.89 9.61
C GLU A 56 17.94 12.13 10.56
N GLY A 57 17.05 13.03 10.14
CA GLY A 57 15.96 13.48 11.01
C GLY A 57 14.86 12.47 11.17
N PRO A 58 13.90 12.73 12.08
CA PRO A 58 12.73 11.86 12.21
C PRO A 58 11.85 11.78 10.94
N GLU A 59 11.81 12.85 10.16
CA GLU A 59 11.08 12.81 8.89
C GLU A 59 11.68 11.78 7.92
N TYR A 60 12.99 11.59 7.95
CA TYR A 60 13.67 10.58 7.15
C TYR A 60 13.22 9.18 7.60
N TRP A 61 13.43 8.87 8.88
CA TRP A 61 13.14 7.54 9.41
C TRP A 61 11.66 7.16 9.28
N ASP A 62 10.74 8.11 9.48
CA ASP A 62 9.30 7.83 9.31
C ASP A 62 8.94 7.54 7.85
N GLY A 63 9.45 8.35 6.92
CA GLY A 63 9.26 8.12 5.50
C GLY A 63 9.78 6.76 5.04
N GLU A 64 10.99 6.41 5.48
CA GLU A 64 11.60 5.13 5.10
C GLU A 64 10.85 3.95 5.72
N THR A 65 10.32 4.14 6.93
CA THR A 65 9.46 3.14 7.56
C THR A 65 8.14 3.04 6.80
N ARG A 66 7.57 4.16 6.42
CA ARG A 66 6.39 4.14 5.50
C ARG A 66 6.65 3.32 4.23
N LYS A 67 7.72 3.64 3.52
CA LYS A 67 8.01 3.05 2.22
C LYS A 67 8.36 1.57 2.28
N VAL A 68 9.14 1.18 3.29
CA VAL A 68 9.54 -0.22 3.44
C VAL A 68 8.33 -1.12 3.78
N LYS A 69 7.36 -0.56 4.50
CA LYS A 69 6.11 -1.29 4.79
C LYS A 69 5.27 -1.49 3.52
N ALA A 70 5.27 -0.49 2.65
CA ALA A 70 4.69 -0.65 1.33
C ALA A 70 5.44 -1.71 0.52
N HIS A 71 6.78 -1.74 0.61
CA HIS A 71 7.57 -2.79 -0.04
C HIS A 71 7.17 -4.15 0.52
N SER A 72 7.03 -4.21 1.85
CA SER A 72 6.73 -5.45 2.57
C SER A 72 5.38 -6.00 2.16
N GLN A 73 4.38 -5.13 2.27
CA GLN A 73 3.02 -5.50 1.94
C GLN A 73 2.84 -5.86 0.46
N THR A 74 3.53 -5.15 -0.43
CA THR A 74 3.49 -5.49 -1.85
C THR A 74 4.08 -6.88 -2.11
N HIS A 75 5.18 -7.21 -1.44
CA HIS A 75 5.82 -8.51 -1.62
C HIS A 75 4.93 -9.66 -1.16
N ARG A 76 4.15 -9.42 -0.11
CA ARG A 76 3.22 -10.43 0.40
C ARG A 76 2.08 -10.67 -0.60
N VAL A 77 1.50 -9.59 -1.12
CA VAL A 77 0.57 -9.64 -2.24
C VAL A 77 1.20 -10.40 -3.41
N ASP A 78 2.45 -10.08 -3.75
CA ASP A 78 3.16 -10.73 -4.86
C ASP A 78 3.26 -12.25 -4.72
N LEU A 79 3.61 -12.72 -3.52
CA LEU A 79 3.76 -14.15 -3.25
C LEU A 79 2.52 -14.99 -3.58
N GLY A 80 1.33 -14.44 -3.30
CA GLY A 80 0.06 -15.08 -3.64
C GLY A 80 -0.21 -15.07 -5.13
N THR A 81 0.06 -13.93 -5.76
CA THR A 81 -0.09 -13.78 -7.21
C THR A 81 0.79 -14.77 -7.98
N LEU A 82 2.06 -14.85 -7.61
CA LEU A 82 3.01 -15.72 -8.29
C LEU A 82 2.65 -17.19 -8.10
N ARG A 83 2.19 -17.52 -6.91
CA ARG A 83 1.63 -18.85 -6.62
C ARG A 83 0.43 -19.14 -7.54
N GLY A 84 -0.41 -18.13 -7.75
CA GLY A 84 -1.50 -18.19 -8.73
C GLY A 84 -1.08 -18.30 -10.19
N TYR A 85 -0.03 -17.58 -10.60
CA TYR A 85 0.47 -17.64 -11.98
C TYR A 85 1.06 -19.01 -12.32
N TYR A 86 1.83 -19.59 -11.39
CA TYR A 86 2.48 -20.89 -11.59
C TYR A 86 1.60 -22.09 -11.18
N ASN A 87 0.37 -21.83 -10.69
CA ASN A 87 -0.56 -22.87 -10.26
C ASN A 87 0.07 -23.76 -9.18
N GLN A 88 0.47 -23.10 -8.07
CA GLN A 88 1.19 -23.74 -6.96
C GLN A 88 0.30 -23.76 -5.73
N SER A 89 0.57 -24.69 -4.81
CA SER A 89 -0.28 -24.83 -3.62
C SER A 89 0.21 -23.89 -2.52
N GLU A 90 -0.67 -23.63 -1.56
CA GLU A 90 -0.32 -22.85 -0.37
C GLU A 90 0.60 -23.58 0.62
N ALA A 91 0.77 -24.89 0.46
CA ALA A 91 1.59 -25.67 1.39
C ALA A 91 3.10 -25.40 1.27
N GLY A 92 3.56 -25.04 0.08
CA GLY A 92 5.00 -24.83 -0.16
C GLY A 92 5.52 -23.46 0.25
N SER A 93 6.77 -23.44 0.69
CA SER A 93 7.44 -22.18 1.03
C SER A 93 8.16 -21.62 -0.21
N HIS A 94 7.85 -20.37 -0.56
CA HIS A 94 8.45 -19.73 -1.74
C HIS A 94 9.15 -18.43 -1.40
N THR A 95 10.24 -18.17 -2.12
CA THR A 95 11.10 -17.00 -1.90
C THR A 95 10.95 -16.00 -3.05
N VAL A 96 10.74 -14.74 -2.71
CA VAL A 96 10.83 -13.63 -3.67
C VAL A 96 12.01 -12.71 -3.30
N GLN A 97 12.76 -12.27 -4.31
CA GLN A 97 13.90 -11.37 -4.11
C GLN A 97 13.81 -10.15 -5.04
N ARG A 98 14.15 -8.98 -4.49
CA ARG A 98 14.20 -7.73 -5.25
C ARG A 98 15.51 -6.98 -5.01
N MET A 99 16.10 -6.48 -6.08
CA MET A 99 17.31 -5.68 -6.02
C MET A 99 17.13 -4.46 -6.93
N TYR A 100 17.33 -3.26 -6.36
CA TYR A 100 17.47 -2.05 -7.17
C TYR A 100 18.47 -1.11 -6.56
N GLY A 101 18.95 -0.19 -7.38
CA GLY A 101 19.96 0.78 -6.96
C GLY A 101 20.57 1.53 -8.13
N CYS A 102 21.65 2.28 -7.88
CA CYS A 102 22.31 3.05 -8.94
C CYS A 102 23.80 3.24 -8.70
N ASP A 103 24.52 3.36 -9.81
CA ASP A 103 25.97 3.60 -9.80
C ASP A 103 26.26 5.03 -10.30
N VAL A 104 27.39 5.57 -9.89
CA VAL A 104 27.87 6.87 -10.38
C VAL A 104 29.34 6.82 -10.75
N GLY A 105 29.74 7.68 -11.69
CA GLY A 105 31.13 7.78 -12.11
C GLY A 105 31.95 8.53 -11.08
N SER A 106 33.21 8.82 -11.41
CA SER A 106 34.08 9.67 -10.57
C SER A 106 33.58 11.13 -10.56
N ASP A 107 32.88 11.52 -11.61
CA ASP A 107 32.18 12.80 -11.68
C ASP A 107 30.88 12.89 -10.82
N TRP A 108 30.49 11.77 -10.18
CA TRP A 108 29.26 11.66 -9.39
C TRP A 108 27.99 11.95 -10.22
N ARG A 109 28.05 11.68 -11.53
CA ARG A 109 26.86 11.68 -12.39
C ARG A 109 26.37 10.24 -12.55
N PHE A 110 25.07 10.13 -12.88
CA PHE A 110 24.43 8.87 -13.19
C PHE A 110 25.25 8.10 -14.21
N LEU A 111 25.53 6.83 -13.90
CA LEU A 111 26.28 5.93 -14.77
C LEU A 111 25.32 4.82 -15.24
N ARG A 112 24.70 4.11 -14.29
CA ARG A 112 23.59 3.20 -14.61
C ARG A 112 22.64 2.99 -13.44
N GLY A 113 21.45 2.53 -13.77
CA GLY A 113 20.41 2.18 -12.80
C GLY A 113 19.85 0.81 -13.12
N TYR A 114 19.25 0.16 -12.12
CA TYR A 114 18.77 -1.21 -12.28
C TYR A 114 17.68 -1.60 -11.29
N HIS A 115 16.93 -2.62 -11.67
CA HIS A 115 15.85 -3.16 -10.86
C HIS A 115 15.57 -4.63 -11.26
N GLN A 116 16.03 -5.57 -10.45
CA GLN A 116 15.94 -7.00 -10.74
C GLN A 116 14.99 -7.70 -9.76
N TYR A 117 14.27 -8.70 -10.26
CA TYR A 117 13.24 -9.43 -9.49
C TYR A 117 13.37 -10.92 -9.76
N ALA A 118 13.20 -11.73 -8.71
CA ALA A 118 13.35 -13.19 -8.80
C ALA A 118 12.30 -13.94 -8.00
N TYR A 119 12.02 -15.17 -8.42
CA TYR A 119 11.11 -16.10 -7.72
C TYR A 119 11.80 -17.45 -7.55
N ASP A 120 11.98 -17.89 -6.31
CA ASP A 120 12.69 -19.13 -5.96
C ASP A 120 14.13 -19.22 -6.55
N GLY A 121 14.85 -18.11 -6.49
CA GLY A 121 16.27 -18.07 -6.85
C GLY A 121 16.58 -18.04 -8.34
N LYS A 122 15.61 -17.60 -9.16
CA LYS A 122 15.79 -17.52 -10.60
C LYS A 122 15.18 -16.23 -11.17
N ASP A 123 15.87 -15.62 -12.13
CA ASP A 123 15.40 -14.38 -12.75
C ASP A 123 13.95 -14.52 -13.20
N TYR A 124 13.12 -13.55 -12.82
CA TYR A 124 11.70 -13.49 -13.21
C TYR A 124 11.46 -12.36 -14.20
N ILE A 125 11.78 -11.14 -13.78
CA ILE A 125 11.69 -9.96 -14.64
C ILE A 125 12.78 -8.98 -14.21
N ALA A 126 13.30 -8.22 -15.18
CA ALA A 126 14.31 -7.19 -14.92
C ALA A 126 14.11 -6.03 -15.87
N LEU A 127 14.43 -4.83 -15.38
CA LEU A 127 14.49 -3.62 -16.20
C LEU A 127 15.82 -3.62 -16.95
N LYS A 128 15.79 -3.18 -18.20
CA LYS A 128 17.01 -3.08 -19.04
C LYS A 128 17.81 -1.83 -18.70
N GLU A 129 19.08 -1.77 -19.11
CA GLU A 129 19.98 -0.64 -18.82
C GLU A 129 19.45 0.72 -19.33
N ASP A 130 18.68 0.71 -20.43
CA ASP A 130 18.02 1.91 -20.93
C ASP A 130 16.86 2.42 -20.06
N LEU A 131 16.33 1.55 -19.18
CA LEU A 131 15.29 1.88 -18.20
C LEU A 131 13.93 2.26 -18.82
N ARG A 132 13.67 1.81 -20.04
CA ARG A 132 12.39 2.03 -20.72
C ARG A 132 11.61 0.75 -21.03
N SER A 133 12.27 -0.42 -20.94
CA SER A 133 11.70 -1.71 -21.36
C SER A 133 12.15 -2.86 -20.45
N TRP A 134 11.43 -3.98 -20.53
CA TRP A 134 11.60 -5.11 -19.61
C TRP A 134 12.06 -6.39 -20.29
N THR A 135 12.70 -7.28 -19.51
CA THR A 135 13.19 -8.59 -19.96
C THR A 135 12.54 -9.69 -19.14
N ALA A 136 11.45 -10.26 -19.68
CA ALA A 136 10.66 -11.30 -19.00
C ALA A 136 11.25 -12.70 -19.20
N ALA A 137 11.30 -13.47 -18.12
CA ALA A 137 11.93 -14.79 -18.12
C ALA A 137 11.05 -15.85 -18.79
N ASP A 138 9.78 -15.88 -18.42
CA ASP A 138 8.84 -16.90 -18.89
C ASP A 138 7.45 -16.29 -19.10
N MET A 139 6.45 -17.14 -19.37
CA MET A 139 5.08 -16.67 -19.67
C MET A 139 4.40 -15.89 -18.54
N ALA A 140 4.65 -16.30 -17.29
CA ALA A 140 4.08 -15.61 -16.13
C ALA A 140 4.62 -14.17 -16.00
N ALA A 141 5.93 -14.01 -16.24
CA ALA A 141 6.57 -12.70 -16.26
C ALA A 141 6.06 -11.82 -17.40
N GLN A 142 5.77 -12.42 -18.55
CA GLN A 142 5.15 -11.69 -19.65
C GLN A 142 3.84 -11.06 -19.21
N THR A 143 3.07 -11.78 -18.38
CA THR A 143 1.81 -11.25 -17.85
C THR A 143 2.03 -10.02 -16.97
N THR A 144 3.10 -10.05 -16.18
CA THR A 144 3.52 -8.90 -15.36
C THR A 144 4.08 -7.77 -16.21
N LYS A 145 4.85 -8.10 -17.25
CA LYS A 145 5.41 -7.11 -18.18
C LYS A 145 4.34 -6.23 -18.83
N HIS A 146 3.22 -6.82 -19.25
CA HIS A 146 2.14 -6.04 -19.87
C HIS A 146 1.45 -5.14 -18.85
N LYS A 147 1.33 -5.63 -17.61
CA LYS A 147 0.70 -4.89 -16.52
C LYS A 147 1.54 -3.68 -16.07
N TRP A 148 2.85 -3.91 -15.95
CA TRP A 148 3.80 -2.85 -15.62
C TRP A 148 3.98 -1.82 -16.74
N GLU A 149 3.91 -2.28 -17.99
CA GLU A 149 3.90 -1.38 -19.18
C GLU A 149 2.68 -0.46 -19.18
N ALA A 150 1.51 -1.01 -18.84
CA ALA A 150 0.27 -0.22 -18.78
C ALA A 150 0.26 0.78 -17.64
N ALA A 151 0.85 0.38 -16.50
CA ALA A 151 0.95 1.23 -15.31
C ALA A 151 2.11 2.26 -15.34
N HIS A 152 2.91 2.23 -16.41
CA HIS A 152 4.06 3.14 -16.59
C HIS A 152 5.06 3.01 -15.43
N VAL A 153 5.36 1.77 -15.09
CA VAL A 153 6.24 1.45 -13.98
C VAL A 153 7.68 1.81 -14.31
N ALA A 154 8.09 1.59 -15.56
CA ALA A 154 9.45 1.90 -15.99
C ALA A 154 9.76 3.40 -15.98
N GLU A 155 8.76 4.24 -16.25
CA GLU A 155 8.92 5.70 -16.19
C GLU A 155 9.23 6.14 -14.77
N GLN A 156 8.44 5.62 -13.83
CA GLN A 156 8.60 5.87 -12.40
C GLN A 156 9.99 5.43 -11.90
N LEU A 157 10.43 4.24 -12.31
CA LEU A 157 11.76 3.75 -11.91
C LEU A 157 12.90 4.58 -12.48
N ARG A 158 12.78 4.96 -13.75
CA ARG A 158 13.78 5.83 -14.38
C ARG A 158 13.89 7.16 -13.64
N ALA A 159 12.75 7.70 -13.22
CA ALA A 159 12.71 8.94 -12.43
C ALA A 159 13.48 8.78 -11.11
N TYR A 160 13.19 7.70 -10.38
CA TYR A 160 13.89 7.43 -9.11
C TYR A 160 15.37 7.14 -9.34
N LEU A 161 15.64 6.25 -10.27
CA LEU A 161 17.00 5.73 -10.51
C LEU A 161 17.98 6.79 -11.01
N GLU A 162 17.53 7.64 -11.93
CA GLU A 162 18.36 8.74 -12.43
C GLU A 162 18.37 9.95 -11.47
N GLY A 163 17.23 10.23 -10.82
CA GLY A 163 17.08 11.36 -9.92
C GLY A 163 17.37 11.06 -8.45
N THR A 164 16.32 10.66 -7.73
CA THR A 164 16.36 10.51 -6.26
C THR A 164 17.52 9.62 -5.81
N CYS A 165 17.63 8.44 -6.41
CA CYS A 165 18.72 7.50 -6.13
C CYS A 165 20.09 8.18 -6.17
N VAL A 166 20.33 8.94 -7.24
CA VAL A 166 21.62 9.61 -7.48
C VAL A 166 21.93 10.70 -6.43
N GLU A 167 20.89 11.45 -6.05
CA GLU A 167 21.03 12.56 -5.14
C GLU A 167 21.32 12.10 -3.72
N TRP A 168 20.62 11.05 -3.28
CA TRP A 168 20.83 10.50 -1.94
C TRP A 168 22.17 9.80 -1.78
N LEU A 169 22.61 9.12 -2.83
CA LEU A 169 23.94 8.52 -2.87
C LEU A 169 25.00 9.59 -2.61
N ARG A 170 24.98 10.66 -3.41
CA ARG A 170 25.88 11.84 -3.23
C ARG A 170 25.90 12.34 -1.77
N ARG A 171 24.72 12.56 -1.21
CA ARG A 171 24.56 12.97 0.19
C ARG A 171 25.18 11.99 1.16
N TYR A 172 24.89 10.70 0.95
CA TYR A 172 25.44 9.66 1.81
C TYR A 172 26.97 9.61 1.71
N LEU A 173 27.49 9.76 0.49
CA LEU A 173 28.94 9.81 0.29
C LEU A 173 29.59 11.00 1.00
N GLU A 174 28.90 12.15 0.99
CA GLU A 174 29.36 13.35 1.72
C GLU A 174 29.28 13.18 3.26
N ASN A 175 28.08 12.87 3.76
CA ASN A 175 27.85 12.69 5.20
C ASN A 175 28.68 11.57 5.82
N GLY A 176 28.84 10.48 5.08
CA GLY A 176 29.66 9.33 5.51
C GLY A 176 31.02 9.26 4.86
N LYS A 177 31.55 10.40 4.38
CA LYS A 177 32.86 10.45 3.71
C LYS A 177 33.99 9.79 4.50
N GLU A 178 34.00 10.00 5.82
CA GLU A 178 35.03 9.42 6.69
C GLU A 178 35.16 7.90 6.51
N THR A 179 34.03 7.19 6.42
CA THR A 179 34.03 5.73 6.18
C THR A 179 33.87 5.37 4.70
N LEU A 180 32.85 5.92 4.03
CA LEU A 180 32.54 5.52 2.65
C LEU A 180 33.61 5.85 1.61
N GLN A 181 34.30 6.99 1.74
CA GLN A 181 35.32 7.42 0.76
C GLN A 181 36.75 7.00 1.12
N ARG A 182 36.92 6.27 2.23
CA ARG A 182 38.20 5.65 2.57
C ARG A 182 38.49 4.48 1.62
N THR A 183 39.77 4.12 1.52
CA THR A 183 40.19 2.88 0.87
C THR A 183 41.31 2.31 1.72
N ASP A 184 41.00 1.31 2.53
CA ASP A 184 42.02 0.59 3.29
C ASP A 184 42.66 -0.43 2.36
N ALA A 185 43.96 -0.26 2.11
CA ALA A 185 44.70 -1.15 1.24
C ALA A 185 44.99 -2.46 1.99
N PRO A 186 45.17 -3.55 1.24
CA PRO A 186 45.47 -4.83 1.88
C PRO A 186 46.80 -4.85 2.61
N LYS A 187 46.78 -5.42 3.82
CA LYS A 187 47.99 -5.84 4.53
C LYS A 187 48.32 -7.26 4.09
N THR A 188 49.41 -7.41 3.33
CA THR A 188 49.81 -8.70 2.76
C THR A 188 50.96 -9.37 3.52
N HIS A 189 51.03 -10.70 3.39
CA HIS A 189 52.16 -11.53 3.82
C HIS A 189 52.07 -12.91 3.16
N MET A 190 53.09 -13.74 3.34
CA MET A 190 53.12 -15.09 2.76
C MET A 190 53.50 -16.15 3.82
N THR A 191 52.96 -17.35 3.66
CA THR A 191 53.27 -18.46 4.57
C THR A 191 53.76 -19.65 3.77
N HIS A 192 54.56 -20.48 4.44
CA HIS A 192 55.22 -21.66 3.87
C HIS A 192 54.96 -22.86 4.75
N HIS A 193 54.45 -23.94 4.16
CA HIS A 193 54.19 -25.19 4.86
C HIS A 193 54.57 -26.34 3.94
N ALA A 194 55.50 -27.19 4.39
CA ALA A 194 55.85 -28.41 3.65
C ALA A 194 54.68 -29.39 3.73
N VAL A 195 54.20 -29.86 2.56
CA VAL A 195 53.09 -30.83 2.49
C VAL A 195 53.57 -32.29 2.31
N SER A 196 54.70 -32.49 1.62
CA SER A 196 55.29 -33.83 1.40
C SER A 196 56.83 -33.79 1.49
N ASP A 197 57.50 -34.80 0.94
CA ASP A 197 58.98 -34.84 0.85
C ASP A 197 59.49 -33.76 -0.12
N HIS A 198 58.80 -33.64 -1.26
CA HIS A 198 59.25 -32.83 -2.39
C HIS A 198 58.15 -31.87 -2.86
N GLU A 199 57.35 -31.35 -1.92
CA GLU A 199 56.30 -30.34 -2.22
C GLU A 199 56.10 -29.41 -1.03
N ALA A 200 55.75 -28.16 -1.33
CA ALA A 200 55.41 -27.16 -0.31
C ALA A 200 54.22 -26.31 -0.78
N THR A 201 53.47 -25.79 0.19
CA THR A 201 52.31 -24.94 -0.09
C THR A 201 52.64 -23.49 0.30
N LEU A 202 52.43 -22.59 -0.67
CA LEU A 202 52.60 -21.16 -0.47
C LEU A 202 51.22 -20.54 -0.46
N ARG A 203 50.94 -19.72 0.56
CA ARG A 203 49.63 -19.08 0.71
C ARG A 203 49.82 -17.58 0.79
N CYS A 204 49.24 -16.88 -0.17
CA CYS A 204 49.27 -15.43 -0.23
C CYS A 204 48.04 -14.81 0.46
N TRP A 205 48.26 -14.07 1.54
CA TRP A 205 47.19 -13.52 2.38
C TRP A 205 46.92 -12.04 2.09
N ALA A 206 45.64 -11.67 2.00
CA ALA A 206 45.22 -10.24 2.02
C ALA A 206 44.21 -9.98 3.15
N LEU A 207 44.51 -9.00 4.00
CA LEU A 207 43.73 -8.70 5.20
C LEU A 207 43.45 -7.19 5.37
N SER A 208 42.35 -6.88 6.06
CA SER A 208 41.98 -5.52 6.48
C SER A 208 41.84 -4.53 5.33
N PHE A 209 41.12 -4.92 4.29
CA PHE A 209 40.92 -4.05 3.12
C PHE A 209 39.45 -3.70 2.82
N TYR A 210 39.24 -2.47 2.36
CA TYR A 210 37.96 -1.99 1.85
C TYR A 210 38.30 -1.09 0.64
N PRO A 211 37.56 -1.16 -0.46
CA PRO A 211 36.37 -2.02 -0.67
C PRO A 211 36.69 -3.52 -0.84
N ALA A 212 35.70 -4.34 -1.21
CA ALA A 212 35.88 -5.79 -1.28
C ALA A 212 36.56 -6.29 -2.56
N GLU A 213 36.35 -5.59 -3.67
CA GLU A 213 36.90 -5.97 -4.97
C GLU A 213 38.41 -6.04 -4.90
N ILE A 214 38.95 -7.24 -5.11
CA ILE A 214 40.39 -7.49 -5.06
C ILE A 214 40.71 -8.59 -6.06
N THR A 215 41.95 -8.62 -6.56
CA THR A 215 42.40 -9.71 -7.43
C THR A 215 43.70 -10.29 -6.90
N LEU A 216 43.68 -11.62 -6.65
CA LEU A 216 44.86 -12.35 -6.22
C LEU A 216 45.19 -13.45 -7.21
N THR A 217 46.25 -13.21 -7.98
CA THR A 217 46.78 -14.16 -8.93
C THR A 217 48.09 -14.73 -8.38
N TRP A 218 48.34 -16.01 -8.73
CA TRP A 218 49.65 -16.63 -8.55
C TRP A 218 50.29 -16.81 -9.94
N GLN A 219 51.62 -16.64 -9.97
CA GLN A 219 52.39 -16.71 -11.23
C GLN A 219 53.65 -17.56 -11.07
N ARG A 220 53.86 -18.48 -12.01
CA ARG A 220 55.05 -19.31 -12.06
C ARG A 220 55.90 -18.79 -13.21
N ASP A 221 57.11 -18.33 -12.91
CA ASP A 221 57.98 -17.63 -13.89
C ASP A 221 57.27 -16.45 -14.58
N GLY A 222 56.35 -15.80 -13.86
CA GLY A 222 55.52 -14.76 -14.46
C GLY A 222 54.47 -15.21 -15.45
N GLU A 223 54.26 -16.53 -15.60
CA GLU A 223 53.11 -17.09 -16.34
C GLU A 223 51.98 -17.34 -15.35
N ASP A 224 50.74 -17.00 -15.74
CA ASP A 224 49.57 -17.18 -14.86
C ASP A 224 49.37 -18.66 -14.52
N GLN A 225 48.92 -18.89 -13.30
CA GLN A 225 48.70 -20.24 -12.78
C GLN A 225 47.28 -20.30 -12.24
N THR A 226 46.32 -20.33 -13.15
CA THR A 226 44.90 -20.53 -12.80
C THR A 226 44.61 -22.01 -12.49
N GLN A 227 45.49 -22.91 -12.96
CA GLN A 227 45.54 -24.31 -12.52
C GLN A 227 46.52 -24.46 -11.33
N ASP A 228 46.29 -25.46 -10.49
CA ASP A 228 47.12 -25.77 -9.31
C ASP A 228 47.05 -24.69 -8.22
N THR A 229 45.87 -24.09 -8.02
CA THR A 229 45.73 -22.90 -7.16
C THR A 229 44.37 -22.75 -6.44
N GLU A 230 44.35 -23.01 -5.13
CA GLU A 230 43.12 -22.87 -4.33
C GLU A 230 42.87 -21.38 -3.99
N LEU A 231 41.68 -20.91 -4.33
CA LEU A 231 41.25 -19.53 -4.10
C LEU A 231 39.98 -19.49 -3.26
N VAL A 232 40.09 -19.16 -1.96
CA VAL A 232 38.89 -18.89 -1.14
C VAL A 232 38.22 -17.61 -1.58
N GLU A 233 36.90 -17.55 -1.38
CA GLU A 233 36.08 -16.37 -1.67
C GLU A 233 36.47 -15.23 -0.76
N THR A 234 36.32 -14.01 -1.28
CA THR A 234 36.50 -12.84 -0.44
C THR A 234 35.42 -12.88 0.65
N ARG A 235 35.85 -12.70 1.89
CA ARG A 235 34.99 -12.88 3.06
C ARG A 235 35.08 -11.63 3.97
N PRO A 236 34.00 -11.34 4.74
CA PRO A 236 34.01 -10.17 5.61
C PRO A 236 34.61 -10.45 7.01
N ALA A 237 35.42 -9.50 7.48
CA ALA A 237 36.12 -9.64 8.76
C ALA A 237 35.20 -9.46 9.97
N GLY A 238 34.14 -8.67 9.82
CA GLY A 238 33.30 -8.26 10.94
C GLY A 238 33.39 -6.77 11.25
N ASP A 239 34.50 -6.14 10.85
CA ASP A 239 34.78 -4.73 11.16
C ASP A 239 34.66 -3.82 9.95
N GLY A 240 33.90 -4.25 8.95
CA GLY A 240 33.69 -3.46 7.74
C GLY A 240 34.79 -3.62 6.71
N THR A 241 35.84 -4.40 7.01
CA THR A 241 36.88 -4.77 6.04
C THR A 241 36.79 -6.25 5.65
N PHE A 242 37.52 -6.59 4.59
CA PHE A 242 37.45 -7.92 4.00
C PHE A 242 38.79 -8.66 4.06
N GLN A 243 38.73 -9.94 3.69
CA GLN A 243 39.85 -10.85 3.75
C GLN A 243 39.82 -11.74 2.53
N LYS A 244 40.99 -12.16 2.08
CA LYS A 244 41.10 -13.17 1.02
C LYS A 244 42.44 -13.85 1.10
N TRP A 245 42.52 -15.02 0.49
CA TRP A 245 43.79 -15.64 0.23
C TRP A 245 43.76 -16.47 -1.04
N ALA A 246 44.95 -16.71 -1.59
CA ALA A 246 45.14 -17.67 -2.66
C ALA A 246 46.36 -18.53 -2.32
N ALA A 247 46.47 -19.67 -2.97
CA ALA A 247 47.53 -20.64 -2.64
C ALA A 247 47.93 -21.46 -3.84
N VAL A 248 49.15 -22.01 -3.77
CA VAL A 248 49.70 -22.91 -4.78
C VAL A 248 50.52 -24.03 -4.16
N VAL A 249 50.49 -25.19 -4.82
CA VAL A 249 51.33 -26.34 -4.47
C VAL A 249 52.59 -26.26 -5.32
N VAL A 250 53.75 -26.29 -4.67
CA VAL A 250 55.02 -25.95 -5.31
C VAL A 250 56.06 -27.06 -5.07
N PRO A 251 56.79 -27.49 -6.15
CA PRO A 251 57.91 -28.45 -5.98
C PRO A 251 59.04 -27.85 -5.18
N SER A 252 59.22 -28.28 -3.94
CA SER A 252 60.14 -27.61 -3.01
C SER A 252 61.56 -27.55 -3.56
N GLY A 253 62.25 -26.46 -3.20
CA GLY A 253 63.46 -26.02 -3.89
C GLY A 253 63.21 -24.91 -4.90
N GLN A 254 61.97 -24.81 -5.41
CA GLN A 254 61.64 -23.89 -6.51
C GLN A 254 60.70 -22.74 -6.09
N GLU A 255 60.74 -22.38 -4.81
CA GLU A 255 59.85 -21.35 -4.25
C GLU A 255 60.07 -19.94 -4.81
N GLN A 256 61.30 -19.64 -5.23
CA GLN A 256 61.65 -18.30 -5.72
C GLN A 256 61.15 -18.01 -7.14
N ARG A 257 60.65 -19.02 -7.84
CA ARG A 257 60.08 -18.83 -9.16
C ARG A 257 58.64 -18.37 -9.13
N TYR A 258 58.00 -18.44 -7.95
CA TYR A 258 56.57 -18.18 -7.79
C TYR A 258 56.27 -16.79 -7.23
N THR A 259 55.42 -16.02 -7.94
CA THR A 259 54.96 -14.69 -7.50
C THR A 259 53.44 -14.59 -7.28
N CYS A 260 53.05 -13.91 -6.19
CA CYS A 260 51.66 -13.53 -5.93
C CYS A 260 51.41 -12.04 -6.17
N HIS A 261 50.40 -11.74 -6.99
CA HIS A 261 50.10 -10.39 -7.45
C HIS A 261 48.76 -9.83 -6.91
N VAL A 262 48.85 -8.84 -6.02
CA VAL A 262 47.69 -8.19 -5.40
C VAL A 262 47.33 -6.88 -6.11
N GLN A 263 46.12 -6.84 -6.70
CA GLN A 263 45.56 -5.63 -7.33
C GLN A 263 44.39 -5.14 -6.47
N HIS A 264 44.31 -3.83 -6.25
CA HIS A 264 43.30 -3.22 -5.37
C HIS A 264 43.23 -1.68 -5.56
N GLU A 265 42.10 -1.09 -5.20
CA GLU A 265 41.89 0.37 -5.37
C GLU A 265 42.82 1.21 -4.50
N GLY A 266 42.99 0.81 -3.26
CA GLY A 266 43.93 1.45 -2.33
C GLY A 266 45.43 1.22 -2.53
N LEU A 267 45.82 0.43 -3.53
CA LEU A 267 47.23 0.21 -3.86
C LEU A 267 47.62 1.15 -5.00
N PRO A 268 48.58 2.08 -4.76
CA PRO A 268 48.99 2.96 -5.87
C PRO A 268 49.48 2.17 -7.08
N LYS A 269 50.42 1.25 -6.84
CA LYS A 269 50.87 0.28 -7.84
C LYS A 269 50.44 -1.12 -7.40
N PRO A 270 50.15 -2.04 -8.34
CA PRO A 270 49.90 -3.43 -7.90
C PRO A 270 51.12 -4.08 -7.25
N LEU A 271 50.90 -4.83 -6.17
CA LEU A 271 52.00 -5.49 -5.45
C LEU A 271 52.40 -6.80 -6.11
N THR A 272 53.59 -7.26 -5.72
CA THR A 272 54.16 -8.51 -6.18
C THR A 272 54.94 -9.05 -5.02
N LEU A 273 54.61 -10.26 -4.57
CA LEU A 273 55.30 -10.93 -3.47
C LEU A 273 56.00 -12.20 -3.93
N ARG A 274 57.08 -12.54 -3.24
CA ARG A 274 57.89 -13.71 -3.51
C ARG A 274 58.37 -14.18 -2.16
N TRP A 275 58.38 -15.48 -1.92
CA TRP A 275 58.78 -15.97 -0.59
C TRP A 275 60.27 -15.68 -0.36
N GLU A 276 60.60 -15.28 0.87
CA GLU A 276 61.96 -14.89 1.24
C GLU A 276 62.28 -15.43 2.64
N PRO A 277 63.16 -16.44 2.75
CA PRO A 277 63.46 -16.99 4.08
C PRO A 277 64.32 -16.04 4.94
N ILE B 2 14.68 -25.44 -7.36
CA ILE B 2 16.10 -25.93 -7.36
C ILE B 2 16.90 -25.22 -6.26
N GLN B 3 17.83 -25.96 -5.64
CA GLN B 3 18.40 -25.62 -4.32
C GLN B 3 19.94 -25.74 -4.28
N ARG B 4 20.62 -24.65 -3.89
CA ARG B 4 22.08 -24.62 -3.74
C ARG B 4 22.52 -24.83 -2.29
N THR B 5 23.73 -25.35 -2.10
CA THR B 5 24.25 -25.74 -0.77
C THR B 5 25.24 -24.69 -0.27
N PRO B 6 25.25 -24.41 1.04
CA PRO B 6 26.15 -23.38 1.56
C PRO B 6 27.64 -23.71 1.50
N LYS B 7 28.44 -22.78 0.99
CA LYS B 7 29.90 -22.77 1.22
C LYS B 7 30.09 -22.30 2.65
N ILE B 8 31.17 -22.75 3.29
CA ILE B 8 31.42 -22.42 4.69
C ILE B 8 32.90 -22.13 4.90
N GLN B 9 33.21 -20.94 5.42
CA GLN B 9 34.57 -20.63 5.83
C GLN B 9 34.53 -20.33 7.32
N VAL B 10 35.48 -20.88 8.06
CA VAL B 10 35.59 -20.64 9.51
C VAL B 10 36.94 -19.96 9.79
N TYR B 11 36.90 -18.80 10.44
CA TYR B 11 38.07 -17.93 10.53
C TYR B 11 37.90 -16.81 11.53
N SER B 12 39.01 -16.23 11.95
CA SER B 12 39.03 -15.18 12.96
C SER B 12 39.13 -13.83 12.28
N ARG B 13 38.65 -12.79 12.98
CA ARG B 13 38.70 -11.41 12.49
C ARG B 13 40.16 -10.93 12.44
N HIS B 14 40.80 -10.93 13.61
CA HIS B 14 42.22 -10.59 13.75
C HIS B 14 43.01 -11.90 13.70
N PRO B 15 44.35 -11.81 13.51
CA PRO B 15 45.13 -13.06 13.49
C PRO B 15 45.18 -13.72 14.88
N ALA B 16 45.01 -15.03 14.92
CA ALA B 16 44.88 -15.75 16.19
C ALA B 16 46.14 -15.63 17.05
N GLU B 17 45.94 -15.36 18.34
CA GLU B 17 47.04 -15.16 19.28
C GLU B 17 46.62 -15.74 20.63
N ASN B 18 47.24 -16.87 21.02
CA ASN B 18 46.85 -17.61 22.24
C ASN B 18 46.71 -16.73 23.49
N GLY B 19 45.47 -16.62 23.99
CA GLY B 19 45.15 -15.84 25.19
C GLY B 19 44.80 -14.37 24.98
N LYS B 20 44.45 -13.99 23.74
CA LYS B 20 44.11 -12.61 23.39
C LYS B 20 42.72 -12.53 22.74
N SER B 21 42.03 -11.40 22.97
CA SER B 21 40.67 -11.20 22.48
C SER B 21 40.60 -11.20 20.94
N ASN B 22 39.52 -11.79 20.42
CA ASN B 22 39.32 -11.97 18.97
C ASN B 22 37.83 -12.28 18.72
N PHE B 23 37.41 -12.23 17.46
CA PHE B 23 36.05 -12.58 17.05
C PHE B 23 36.11 -13.81 16.15
N LEU B 24 35.49 -14.92 16.56
CA LEU B 24 35.38 -16.11 15.71
C LEU B 24 34.25 -15.90 14.72
N ASN B 25 34.51 -16.19 13.44
CA ASN B 25 33.53 -15.99 12.37
C ASN B 25 33.21 -17.31 11.69
N CYS B 26 32.00 -17.40 11.17
CA CYS B 26 31.62 -18.43 10.21
C CYS B 26 30.86 -17.69 9.12
N TYR B 27 31.37 -17.75 7.90
CA TYR B 27 30.75 -17.06 6.77
C TYR B 27 30.13 -18.14 5.94
N VAL B 28 28.80 -18.16 5.90
CA VAL B 28 28.06 -19.06 5.02
C VAL B 28 27.59 -18.25 3.82
N SER B 29 27.58 -18.87 2.64
CA SER B 29 27.33 -18.16 1.39
C SER B 29 26.94 -19.08 0.26
N GLY B 30 26.39 -18.50 -0.80
CA GLY B 30 26.05 -19.24 -2.00
C GLY B 30 24.93 -20.26 -1.86
N PHE B 31 24.02 -20.06 -0.91
CA PHE B 31 22.94 -21.04 -0.63
C PHE B 31 21.55 -20.52 -0.95
N HIS B 32 20.63 -21.45 -1.18
CA HIS B 32 19.23 -21.16 -1.49
C HIS B 32 18.43 -22.43 -1.19
N PRO B 33 17.27 -22.35 -0.55
CA PRO B 33 16.61 -21.14 -0.14
C PRO B 33 17.22 -20.52 1.13
N SER B 34 16.60 -19.44 1.60
CA SER B 34 17.18 -18.58 2.64
C SER B 34 17.32 -19.20 4.03
N ASP B 35 16.47 -20.16 4.39
CA ASP B 35 16.49 -20.78 5.74
C ASP B 35 17.79 -21.55 5.98
N ILE B 36 18.41 -21.36 7.13
CA ILE B 36 19.68 -22.02 7.43
C ILE B 36 19.96 -21.95 8.92
N GLU B 37 20.40 -23.06 9.53
CA GLU B 37 20.88 -23.05 10.92
C GLU B 37 22.39 -22.92 10.93
N VAL B 38 22.94 -22.10 11.82
CA VAL B 38 24.38 -21.94 11.95
C VAL B 38 24.77 -21.79 13.42
N ASP B 39 25.46 -22.79 13.98
CA ASP B 39 25.99 -22.69 15.34
C ASP B 39 27.52 -22.58 15.29
N LEU B 40 28.09 -22.00 16.34
CA LEU B 40 29.53 -21.99 16.55
C LEU B 40 29.86 -22.89 17.75
N LEU B 41 30.69 -23.90 17.52
CA LEU B 41 31.02 -24.92 18.54
C LEU B 41 32.32 -24.61 19.28
N LYS B 42 32.41 -25.10 20.52
CA LYS B 42 33.61 -24.98 21.35
C LYS B 42 33.84 -26.35 22.01
N ASN B 43 34.63 -27.18 21.31
CA ASN B 43 34.81 -28.61 21.62
C ASN B 43 33.50 -29.37 21.53
N GLY B 44 32.90 -29.35 20.33
CA GLY B 44 31.67 -30.11 20.05
C GLY B 44 30.34 -29.55 20.53
N GLU B 45 30.37 -28.60 21.48
CA GLU B 45 29.17 -28.09 22.13
C GLU B 45 29.04 -26.58 21.92
N ARG B 46 27.83 -26.14 21.54
CA ARG B 46 27.66 -24.80 20.98
C ARG B 46 27.70 -23.65 21.97
N ILE B 47 27.93 -22.46 21.43
CA ILE B 47 28.11 -21.22 22.20
C ILE B 47 26.80 -20.46 22.12
N GLU B 48 26.43 -19.78 23.21
CA GLU B 48 25.10 -19.17 23.30
C GLU B 48 25.03 -17.85 22.55
N LYS B 49 25.90 -16.92 22.89
CA LYS B 49 25.80 -15.54 22.37
C LYS B 49 26.49 -15.34 21.01
N VAL B 50 25.87 -15.88 19.97
CA VAL B 50 26.34 -15.75 18.58
C VAL B 50 25.44 -14.76 17.86
N GLU B 51 26.02 -13.68 17.35
CA GLU B 51 25.29 -12.70 16.54
C GLU B 51 25.38 -13.06 15.06
N HIS B 52 24.61 -12.37 14.22
CA HIS B 52 24.72 -12.53 12.77
C HIS B 52 24.33 -11.29 12.00
N SER B 53 24.88 -11.16 10.79
CA SER B 53 24.56 -10.06 9.89
C SER B 53 23.17 -10.26 9.31
N ASP B 54 22.62 -9.18 8.77
CA ASP B 54 21.31 -9.19 8.15
C ASP B 54 21.44 -9.89 6.81
N LEU B 55 20.46 -10.70 6.48
CA LEU B 55 20.43 -11.45 5.22
C LEU B 55 20.49 -10.53 4.00
N SER B 56 21.40 -10.85 3.09
CA SER B 56 21.44 -10.29 1.74
C SER B 56 21.87 -11.37 0.73
N PHE B 57 22.03 -10.98 -0.53
CA PHE B 57 22.38 -11.93 -1.57
C PHE B 57 23.24 -11.34 -2.68
N SER B 58 23.79 -12.24 -3.50
CA SER B 58 24.78 -11.91 -4.54
C SER B 58 24.10 -11.80 -5.92
N LYS B 59 24.89 -11.56 -6.97
CA LYS B 59 24.34 -11.32 -8.31
C LYS B 59 23.56 -12.51 -8.88
N ASP B 60 23.97 -13.73 -8.53
CA ASP B 60 23.27 -14.98 -8.92
C ASP B 60 22.06 -15.36 -8.03
N TRP B 61 21.65 -14.43 -7.15
CA TRP B 61 20.53 -14.58 -6.21
C TRP B 61 20.79 -15.42 -4.95
N SER B 62 22.00 -15.97 -4.81
CA SER B 62 22.31 -16.82 -3.66
C SER B 62 22.56 -15.98 -2.40
N PHE B 63 22.18 -16.50 -1.25
CA PHE B 63 22.24 -15.75 0.02
C PHE B 63 23.60 -15.86 0.70
N TYR B 64 23.87 -14.93 1.60
CA TYR B 64 25.07 -15.00 2.44
C TYR B 64 24.83 -14.33 3.78
N LEU B 65 25.54 -14.83 4.77
CA LEU B 65 25.38 -14.40 6.15
C LEU B 65 26.69 -14.63 6.84
N LEU B 66 26.97 -13.86 7.88
CA LEU B 66 28.16 -14.00 8.69
C LEU B 66 27.72 -14.15 10.11
N TYR B 67 28.11 -15.24 10.75
CA TYR B 67 27.83 -15.48 12.16
C TYR B 67 29.12 -15.26 12.92
N TYR B 68 29.03 -14.62 14.09
CA TYR B 68 30.24 -14.34 14.88
C TYR B 68 30.00 -14.36 16.38
N THR B 69 31.07 -14.64 17.13
CA THR B 69 31.07 -14.55 18.59
C THR B 69 32.43 -14.11 19.13
N GLU B 70 32.42 -13.42 20.28
CA GLU B 70 33.65 -12.98 20.94
C GLU B 70 34.31 -14.18 21.62
N PHE B 71 35.63 -14.29 21.50
CA PHE B 71 36.36 -15.43 22.07
C PHE B 71 37.85 -15.19 22.32
N THR B 72 38.44 -16.09 23.10
CA THR B 72 39.85 -16.07 23.46
C THR B 72 40.40 -17.48 23.22
N PRO B 73 41.12 -17.70 22.10
CA PRO B 73 41.61 -19.06 21.80
C PRO B 73 42.88 -19.44 22.58
N THR B 74 43.11 -20.76 22.66
CA THR B 74 44.30 -21.35 23.28
C THR B 74 44.81 -22.44 22.33
N GLU B 75 45.77 -23.25 22.78
CA GLU B 75 46.18 -24.43 22.00
C GLU B 75 45.21 -25.61 22.17
N LYS B 76 44.62 -25.75 23.34
CA LYS B 76 43.78 -26.91 23.66
C LYS B 76 42.38 -26.88 23.02
N ASP B 77 41.75 -25.71 23.00
CA ASP B 77 40.36 -25.57 22.52
C ASP B 77 40.21 -25.71 21.01
N GLU B 78 39.35 -26.64 20.58
CA GLU B 78 38.97 -26.81 19.17
C GLU B 78 37.64 -26.09 18.91
N TYR B 79 37.64 -25.17 17.94
CA TYR B 79 36.43 -24.45 17.51
C TYR B 79 35.96 -24.93 16.14
N ALA B 80 34.65 -24.84 15.90
CA ALA B 80 34.06 -25.27 14.64
C ALA B 80 32.74 -24.56 14.35
N CYS B 81 32.22 -24.75 13.14
CA CYS B 81 30.95 -24.18 12.73
C CYS B 81 30.06 -25.28 12.20
N ARG B 82 28.94 -25.55 12.88
CA ARG B 82 27.95 -26.55 12.45
C ARG B 82 26.82 -25.85 11.67
N VAL B 83 26.50 -26.38 10.49
CA VAL B 83 25.57 -25.77 9.56
C VAL B 83 24.57 -26.82 9.05
N ASN B 84 23.27 -26.49 9.13
CA ASN B 84 22.20 -27.33 8.60
C ASN B 84 21.39 -26.53 7.60
N HIS B 85 20.85 -27.22 6.60
CA HIS B 85 20.17 -26.58 5.47
C HIS B 85 19.31 -27.67 4.80
N VAL B 86 18.31 -27.29 4.00
CA VAL B 86 17.49 -28.29 3.29
C VAL B 86 18.32 -29.24 2.45
N THR B 87 19.32 -28.70 1.75
CA THR B 87 20.21 -29.49 0.89
C THR B 87 20.98 -30.59 1.61
N LEU B 88 21.30 -30.39 2.88
CA LEU B 88 22.09 -31.34 3.67
C LEU B 88 21.24 -32.39 4.40
N SER B 89 21.57 -33.67 4.20
CA SER B 89 20.92 -34.77 4.90
C SER B 89 21.22 -34.73 6.40
N GLN B 90 22.46 -34.41 6.74
CA GLN B 90 22.90 -34.20 8.13
C GLN B 90 23.67 -32.87 8.24
N PRO B 91 23.87 -32.35 9.46
CA PRO B 91 24.63 -31.10 9.56
C PRO B 91 26.08 -31.29 9.12
N LYS B 92 26.69 -30.22 8.61
CA LYS B 92 28.08 -30.21 8.18
C LYS B 92 28.93 -29.43 9.19
N ILE B 93 29.90 -30.09 9.80
CA ILE B 93 30.80 -29.47 10.77
C ILE B 93 32.13 -29.13 10.09
N VAL B 94 32.62 -27.92 10.33
CA VAL B 94 33.88 -27.43 9.77
C VAL B 94 34.74 -26.86 10.90
N LYS B 95 35.92 -27.44 11.07
CA LYS B 95 36.83 -27.05 12.16
C LYS B 95 37.57 -25.77 11.81
N TRP B 96 37.89 -24.98 12.84
CA TRP B 96 38.64 -23.75 12.67
C TRP B 96 40.12 -24.07 12.52
N ASP B 97 40.65 -23.89 11.31
CA ASP B 97 42.08 -24.02 11.07
C ASP B 97 42.72 -22.68 11.40
N ARG B 98 43.65 -22.68 12.35
CA ARG B 98 44.26 -21.44 12.86
C ARG B 98 45.08 -20.69 11.80
N ASP B 99 45.63 -21.44 10.83
CA ASP B 99 46.38 -20.88 9.69
C ASP B 99 45.57 -20.96 8.38
N MET B 100 44.31 -20.51 8.41
CA MET B 100 43.44 -20.52 7.22
C MET B 100 42.16 -19.68 7.33
N SER C 1 18.06 6.52 0.23
CA SER C 1 16.57 6.55 0.41
C SER C 1 15.86 5.58 -0.53
N LEU C 2 14.82 4.93 -0.02
CA LEU C 2 14.06 3.93 -0.78
C LEU C 2 13.24 4.53 -1.91
N LEU C 3 12.90 3.70 -2.87
CA LEU C 3 11.90 4.00 -3.88
C LEU C 3 10.57 4.22 -3.15
N MET C 4 9.67 5.02 -3.71
CA MET C 4 8.32 5.16 -3.12
C MET C 4 7.37 4.20 -3.81
N TRP C 5 7.23 4.36 -5.13
CA TRP C 5 6.22 3.64 -5.91
C TRP C 5 6.67 2.20 -6.19
N ILE C 6 5.97 1.25 -5.58
CA ILE C 6 6.22 -0.18 -5.74
C ILE C 6 4.94 -0.77 -6.29
N THR C 7 5.03 -1.41 -7.44
CA THR C 7 3.85 -1.93 -8.11
C THR C 7 3.89 -3.46 -8.15
N GLN C 8 2.77 -4.06 -7.73
CA GLN C 8 2.66 -5.51 -7.60
C GLN C 8 2.70 -6.19 -8.96
N VAL C 9 3.33 -7.37 -9.01
CA VAL C 9 3.38 -8.17 -10.23
C VAL C 9 2.01 -8.69 -10.67
N ALA D 2 4.86 19.57 -1.77
CA ALA D 2 3.44 19.47 -1.33
C ALA D 2 2.52 19.25 -2.53
N GLN D 3 1.26 18.94 -2.23
CA GLN D 3 0.27 18.59 -3.23
C GLN D 3 -1.13 18.97 -2.75
N SER D 4 -1.94 19.53 -3.65
CA SER D 4 -3.31 19.92 -3.34
C SER D 4 -4.12 20.19 -4.59
N VAL D 5 -5.43 20.04 -4.47
CA VAL D 5 -6.37 20.40 -5.54
C VAL D 5 -7.50 21.27 -4.99
N ALA D 6 -7.82 22.32 -5.74
CA ALA D 6 -8.92 23.22 -5.43
C ALA D 6 -10.06 22.91 -6.40
N GLN D 7 -11.25 22.66 -5.85
CA GLN D 7 -12.49 22.63 -6.62
C GLN D 7 -13.25 23.90 -6.22
N PRO D 8 -13.18 24.95 -7.08
CA PRO D 8 -13.68 26.28 -6.66
C PRO D 8 -15.21 26.49 -6.75
N GLU D 9 -15.98 25.42 -6.92
CA GLU D 9 -17.42 25.50 -7.14
C GLU D 9 -18.14 24.40 -6.37
N ASP D 10 -18.99 24.80 -5.42
CA ASP D 10 -19.71 23.85 -4.57
C ASP D 10 -20.87 23.23 -5.33
N GLN D 11 -21.67 24.08 -5.98
CA GLN D 11 -22.83 23.65 -6.78
C GLN D 11 -22.62 23.99 -8.27
N VAL D 12 -22.94 23.04 -9.14
CA VAL D 12 -22.91 23.23 -10.60
C VAL D 12 -24.23 22.71 -11.17
N ASN D 13 -24.92 23.56 -11.93
CA ASN D 13 -26.24 23.23 -12.49
C ASN D 13 -26.20 23.13 -14.00
N VAL D 14 -27.07 22.29 -14.54
CA VAL D 14 -27.17 22.10 -15.98
C VAL D 14 -28.54 21.51 -16.35
N ALA D 15 -29.02 21.86 -17.55
CA ALA D 15 -30.21 21.23 -18.12
C ALA D 15 -29.83 19.90 -18.73
N GLU D 16 -30.79 18.96 -18.77
CA GLU D 16 -30.55 17.62 -19.31
C GLU D 16 -30.17 17.67 -20.81
N GLY D 17 -29.01 17.11 -21.14
CA GLY D 17 -28.53 17.06 -22.53
C GLY D 17 -27.53 18.14 -22.93
N ASN D 18 -27.29 19.14 -22.07
CA ASN D 18 -26.29 20.19 -22.34
C ASN D 18 -24.88 19.77 -21.89
N PRO D 19 -23.85 20.57 -22.25
CA PRO D 19 -22.51 20.33 -21.70
C PRO D 19 -22.42 20.59 -20.18
N LEU D 20 -21.90 19.61 -19.46
CA LEU D 20 -21.59 19.74 -18.02
C LEU D 20 -20.07 19.84 -17.86
N THR D 21 -19.64 20.72 -16.95
CA THR D 21 -18.22 20.97 -16.70
C THR D 21 -17.97 21.04 -15.20
N VAL D 22 -17.25 20.05 -14.68
CA VAL D 22 -16.80 20.04 -13.29
C VAL D 22 -15.33 20.45 -13.27
N LYS D 23 -15.04 21.61 -12.67
CA LYS D 23 -13.70 22.20 -12.73
C LYS D 23 -12.78 21.76 -11.58
N CYS D 24 -11.54 21.47 -11.93
CA CYS D 24 -10.48 21.14 -10.98
C CYS D 24 -9.14 21.72 -11.44
N THR D 25 -8.46 22.41 -10.52
CA THR D 25 -7.04 22.77 -10.67
C THR D 25 -6.21 21.97 -9.69
N TYR D 26 -4.91 21.88 -9.95
CA TYR D 26 -3.97 21.19 -9.07
C TYR D 26 -2.73 22.04 -8.83
N SER D 27 -2.15 21.90 -7.64
CA SER D 27 -0.80 22.41 -7.35
C SER D 27 0.06 21.24 -6.86
N VAL D 28 1.24 21.10 -7.45
CA VAL D 28 2.14 19.98 -7.19
C VAL D 28 3.60 20.41 -7.36
N SER D 29 4.47 19.98 -6.43
CA SER D 29 5.91 20.28 -6.51
C SER D 29 6.58 19.60 -7.71
N GLY D 30 6.30 18.31 -7.88
CA GLY D 30 6.81 17.54 -9.01
C GLY D 30 5.80 17.48 -10.14
N ASN D 31 5.58 16.26 -10.65
CA ASN D 31 4.71 16.02 -11.81
C ASN D 31 3.45 15.26 -11.37
N PRO D 32 2.29 15.54 -12.01
CA PRO D 32 1.02 14.99 -11.53
C PRO D 32 0.50 13.76 -12.28
N TYR D 33 -0.07 12.83 -11.52
CA TYR D 33 -1.05 11.85 -11.99
C TYR D 33 -2.37 12.34 -11.39
N LEU D 34 -3.42 12.43 -12.19
CA LEU D 34 -4.70 13.01 -11.75
C LEU D 34 -5.81 11.96 -11.75
N PHE D 35 -6.87 12.22 -10.97
CA PHE D 35 -7.94 11.24 -10.70
C PHE D 35 -9.32 11.90 -10.57
N TRP D 36 -10.36 11.18 -10.99
CA TRP D 36 -11.76 11.58 -10.75
C TRP D 36 -12.54 10.46 -10.09
N TYR D 37 -13.38 10.85 -9.12
CA TYR D 37 -14.22 9.91 -8.36
C TYR D 37 -15.62 10.49 -8.25
N VAL D 38 -16.62 9.62 -8.18
CA VAL D 38 -18.03 10.05 -8.04
C VAL D 38 -18.72 9.30 -6.90
N GLN D 39 -19.62 10.00 -6.20
CA GLN D 39 -20.39 9.41 -5.10
C GLN D 39 -21.87 9.73 -5.25
N TYR D 40 -22.66 8.68 -5.47
CA TYR D 40 -24.11 8.75 -5.40
C TYR D 40 -24.49 8.43 -3.95
N PRO D 41 -25.68 8.86 -3.49
CA PRO D 41 -26.06 8.71 -2.07
C PRO D 41 -25.87 7.31 -1.47
N ASN D 42 -25.33 7.27 -0.25
CA ASN D 42 -25.20 6.06 0.58
C ASN D 42 -24.27 4.98 -0.02
N ARG D 43 -23.16 5.44 -0.60
CA ARG D 43 -22.15 4.58 -1.22
C ARG D 43 -20.78 5.21 -1.04
N GLY D 44 -19.73 4.41 -1.23
CA GLY D 44 -18.35 4.92 -1.26
C GLY D 44 -18.08 5.69 -2.55
N LEU D 45 -16.89 6.25 -2.67
CA LEU D 45 -16.48 6.91 -3.90
C LEU D 45 -16.22 5.85 -4.97
N GLN D 46 -16.83 6.02 -6.15
CA GLN D 46 -16.59 5.17 -7.32
C GLN D 46 -15.59 5.83 -8.26
N PHE D 47 -14.71 5.02 -8.84
CA PHE D 47 -13.67 5.47 -9.75
C PHE D 47 -14.25 5.84 -11.12
N LEU D 48 -13.86 7.01 -11.65
CA LEU D 48 -14.18 7.39 -13.05
C LEU D 48 -12.97 7.22 -13.97
N LEU D 49 -12.01 8.13 -13.89
CA LEU D 49 -10.85 8.09 -14.78
C LEU D 49 -9.62 8.74 -14.17
N LYS D 50 -8.47 8.48 -14.81
CA LYS D 50 -7.19 9.00 -14.37
C LYS D 50 -6.26 9.29 -15.55
N TYR D 51 -5.55 10.41 -15.45
CA TYR D 51 -4.41 10.71 -16.33
C TYR D 51 -3.18 10.15 -15.65
N ILE D 52 -2.61 9.11 -16.25
CA ILE D 52 -1.31 8.57 -15.84
C ILE D 52 -0.24 9.38 -16.58
N THR D 53 -0.07 9.10 -17.86
CA THR D 53 0.87 9.82 -18.73
C THR D 53 0.44 9.59 -20.19
N GLY D 54 1.13 10.22 -21.13
CA GLY D 54 0.85 10.07 -22.56
C GLY D 54 -0.23 11.04 -22.98
N ASP D 55 -1.35 10.51 -23.48
CA ASP D 55 -2.41 11.33 -24.08
C ASP D 55 -3.06 12.22 -23.03
N ASN D 56 -3.12 13.52 -23.32
CA ASN D 56 -3.68 14.51 -22.39
C ASN D 56 -5.19 14.39 -22.26
N LEU D 57 -5.88 14.12 -23.37
CA LEU D 57 -7.31 13.83 -23.34
C LEU D 57 -7.49 12.37 -22.91
N VAL D 58 -8.28 12.17 -21.86
CA VAL D 58 -8.54 10.85 -21.28
C VAL D 58 -10.04 10.61 -21.32
N LYS D 59 -10.46 9.52 -21.96
CA LYS D 59 -11.89 9.15 -22.04
C LYS D 59 -12.15 7.95 -21.14
N GLY D 60 -13.34 7.91 -20.54
CA GLY D 60 -13.69 6.91 -19.53
C GLY D 60 -15.00 6.18 -19.80
N SER D 61 -16.03 6.51 -19.03
CA SER D 61 -17.31 5.80 -19.06
C SER D 61 -18.47 6.78 -19.18
N TYR D 62 -19.50 6.39 -19.95
CA TYR D 62 -20.72 7.19 -20.15
C TYR D 62 -20.44 8.56 -20.78
N GLY D 63 -19.41 8.62 -21.63
CA GLY D 63 -18.97 9.87 -22.25
C GLY D 63 -18.46 10.87 -21.23
N PHE D 64 -17.52 10.43 -20.39
CA PHE D 64 -16.81 11.32 -19.48
C PHE D 64 -15.37 11.46 -19.96
N GLU D 65 -14.84 12.68 -19.83
CA GLU D 65 -13.47 12.96 -20.25
C GLU D 65 -12.83 14.14 -19.50
N ALA D 66 -11.51 14.23 -19.61
CA ALA D 66 -10.76 15.38 -19.07
C ALA D 66 -9.43 15.56 -19.81
N GLU D 67 -9.04 16.81 -20.00
CA GLU D 67 -7.78 17.16 -20.67
C GLU D 67 -6.76 17.64 -19.65
N PHE D 68 -5.54 17.10 -19.75
CA PHE D 68 -4.43 17.54 -18.92
C PHE D 68 -3.80 18.80 -19.53
N ASN D 69 -4.07 19.94 -18.89
CA ASN D 69 -3.56 21.24 -19.32
C ASN D 69 -2.48 21.71 -18.31
N LYS D 70 -1.21 21.51 -18.68
CA LYS D 70 -0.07 21.94 -17.85
C LYS D 70 -0.07 23.44 -17.57
N SER D 71 -0.36 24.26 -18.59
CA SER D 71 -0.22 25.72 -18.51
C SER D 71 -1.23 26.33 -17.53
N GLN D 72 -2.49 25.93 -17.66
CA GLN D 72 -3.54 26.33 -16.71
C GLN D 72 -3.64 25.42 -15.49
N THR D 73 -2.85 24.33 -15.46
CA THR D 73 -2.72 23.44 -14.30
C THR D 73 -4.08 22.89 -13.92
N SER D 74 -4.75 22.28 -14.90
CA SER D 74 -6.15 21.89 -14.76
C SER D 74 -6.45 20.52 -15.33
N PHE D 75 -7.56 19.95 -14.85
CA PHE D 75 -8.04 18.64 -15.27
C PHE D 75 -9.54 18.61 -15.05
N HIS D 76 -10.24 19.42 -15.84
CA HIS D 76 -11.68 19.63 -15.70
C HIS D 76 -12.40 18.41 -16.29
N LEU D 77 -13.39 17.89 -15.56
CA LEU D 77 -14.21 16.78 -16.05
C LEU D 77 -15.26 17.33 -17.00
N LYS D 78 -15.40 16.71 -18.16
CA LYS D 78 -16.37 17.13 -19.17
C LYS D 78 -17.18 15.97 -19.72
N LYS D 79 -18.40 16.26 -20.14
CA LYS D 79 -19.32 15.30 -20.74
C LYS D 79 -20.30 16.06 -21.64
N PRO D 80 -20.42 15.67 -22.93
CA PRO D 80 -21.15 16.53 -23.90
C PRO D 80 -22.65 16.72 -23.62
N SER D 81 -23.35 15.63 -23.29
CA SER D 81 -24.78 15.66 -22.98
C SER D 81 -25.07 14.92 -21.66
N ALA D 82 -25.63 15.65 -20.69
CA ALA D 82 -25.88 15.11 -19.36
C ALA D 82 -27.14 14.24 -19.28
N LEU D 83 -27.07 13.18 -18.47
CA LEU D 83 -28.26 12.44 -18.02
C LEU D 83 -28.56 12.81 -16.58
N VAL D 84 -29.77 12.48 -16.11
CA VAL D 84 -30.20 12.84 -14.74
C VAL D 84 -29.47 11.98 -13.69
N SER D 85 -29.22 10.71 -14.02
CA SER D 85 -28.48 9.77 -13.14
C SER D 85 -27.06 10.24 -12.77
N ASP D 86 -26.50 11.13 -13.59
CA ASP D 86 -25.20 11.75 -13.33
C ASP D 86 -25.19 12.83 -12.25
N SER D 87 -26.35 13.17 -11.67
CA SER D 87 -26.41 14.10 -10.53
C SER D 87 -25.78 13.44 -9.29
N ALA D 88 -24.65 13.99 -8.84
CA ALA D 88 -23.85 13.36 -7.78
C ALA D 88 -22.80 14.32 -7.15
N LEU D 89 -22.02 13.78 -6.21
CA LEU D 89 -20.82 14.43 -5.67
C LEU D 89 -19.60 13.96 -6.46
N TYR D 90 -18.87 14.90 -7.06
CA TYR D 90 -17.71 14.59 -7.90
C TYR D 90 -16.43 15.14 -7.28
N PHE D 91 -15.42 14.27 -7.15
CA PHE D 91 -14.15 14.63 -6.51
C PHE D 91 -12.99 14.50 -7.48
N CYS D 92 -12.14 15.52 -7.49
CA CYS D 92 -10.87 15.52 -8.18
C CYS D 92 -9.79 15.06 -7.19
N ALA D 93 -8.64 14.59 -7.70
CA ALA D 93 -7.55 14.10 -6.82
C ALA D 93 -6.21 13.99 -7.54
N VAL D 94 -5.14 14.34 -6.85
CA VAL D 94 -3.79 14.36 -7.44
C VAL D 94 -2.81 13.45 -6.67
N ARG D 95 -1.78 13.00 -7.38
CA ARG D 95 -0.71 12.19 -6.82
C ARG D 95 0.62 12.72 -7.36
N ASP D 96 1.44 13.27 -6.48
CA ASP D 96 2.76 13.79 -6.85
C ASP D 96 3.70 12.61 -7.06
N ILE D 97 3.84 12.21 -8.32
CA ILE D 97 4.66 11.04 -8.70
C ILE D 97 6.17 11.21 -8.41
N ASN D 98 6.60 12.44 -8.13
CA ASN D 98 7.97 12.70 -7.69
C ASN D 98 8.19 12.64 -6.16
N SER D 99 7.12 12.45 -5.38
CA SER D 99 7.27 12.42 -3.92
C SER D 99 8.06 11.21 -3.47
N GLY D 100 8.84 11.40 -2.41
CA GLY D 100 9.56 10.31 -1.78
C GLY D 100 9.22 10.14 -0.31
N ALA D 101 8.11 10.75 0.14
CA ALA D 101 7.81 10.80 1.57
C ALA D 101 6.98 9.63 2.10
N GLY D 102 6.53 8.73 1.22
CA GLY D 102 5.75 7.57 1.65
C GLY D 102 4.32 7.78 2.15
N SER D 103 3.70 8.93 1.85
CA SER D 103 2.24 9.10 2.02
C SER D 103 1.49 8.75 0.71
N TYR D 104 1.08 7.49 0.60
CA TYR D 104 0.58 6.93 -0.66
C TYR D 104 -0.84 7.36 -1.05
N GLN D 105 -1.62 7.83 -0.08
CA GLN D 105 -3.01 8.22 -0.31
C GLN D 105 -3.14 9.34 -1.33
N LEU D 106 -4.23 9.32 -2.09
CA LEU D 106 -4.54 10.43 -2.99
C LEU D 106 -4.94 11.62 -2.15
N THR D 107 -4.60 12.81 -2.64
CA THR D 107 -5.00 14.06 -1.97
C THR D 107 -6.17 14.69 -2.76
N PHE D 108 -7.35 14.70 -2.12
CA PHE D 108 -8.63 15.05 -2.76
C PHE D 108 -8.98 16.52 -2.58
N GLY D 109 -9.95 16.99 -3.38
CA GLY D 109 -10.54 18.32 -3.21
C GLY D 109 -11.78 18.26 -2.33
N LYS D 110 -12.41 19.41 -2.12
CA LYS D 110 -13.57 19.51 -1.23
C LYS D 110 -14.84 18.82 -1.75
N GLY D 111 -15.02 18.81 -3.07
CA GLY D 111 -16.16 18.17 -3.70
C GLY D 111 -17.10 19.17 -4.35
N THR D 112 -17.49 18.89 -5.59
CA THR D 112 -18.46 19.70 -6.35
C THR D 112 -19.72 18.87 -6.56
N LYS D 113 -20.86 19.42 -6.14
CA LYS D 113 -22.16 18.77 -6.25
C LYS D 113 -22.80 19.16 -7.58
N LEU D 114 -22.96 18.20 -8.49
CA LEU D 114 -23.55 18.44 -9.81
C LEU D 114 -25.04 18.10 -9.77
N SER D 115 -25.89 19.06 -10.15
CA SER D 115 -27.36 18.84 -10.24
C SER D 115 -27.83 18.94 -11.70
N VAL D 116 -28.09 17.78 -12.31
CA VAL D 116 -28.63 17.71 -13.68
C VAL D 116 -30.15 17.76 -13.60
N ILE D 117 -30.71 18.93 -13.89
CA ILE D 117 -32.15 19.18 -13.78
C ILE D 117 -32.83 18.69 -15.06
N PRO D 118 -33.87 17.82 -14.93
CA PRO D 118 -34.52 17.26 -16.14
C PRO D 118 -35.39 18.27 -16.88
N ASN D 119 -35.68 17.96 -18.14
CA ASN D 119 -36.49 18.84 -19.00
C ASN D 119 -37.99 18.63 -18.76
N ILE D 120 -38.74 19.74 -18.86
CA ILE D 120 -40.20 19.73 -18.72
C ILE D 120 -40.82 20.27 -20.03
N GLN D 121 -41.25 19.35 -20.90
CA GLN D 121 -41.83 19.70 -22.21
C GLN D 121 -43.23 20.34 -22.13
N ASN D 122 -44.07 19.84 -21.20
CA ASN D 122 -45.47 20.23 -21.10
C ASN D 122 -45.84 20.80 -19.72
N PRO D 123 -45.35 22.02 -19.39
CA PRO D 123 -45.60 22.62 -18.07
C PRO D 123 -47.06 23.07 -17.86
N ASP D 124 -47.62 22.74 -16.68
CA ASP D 124 -49.02 23.03 -16.34
C ASP D 124 -49.19 23.10 -14.81
N PRO D 125 -48.60 24.15 -14.18
CA PRO D 125 -48.55 24.23 -12.71
C PRO D 125 -49.93 24.35 -12.05
N ALA D 126 -50.21 23.50 -11.07
CA ALA D 126 -51.51 23.47 -10.41
C ALA D 126 -51.43 22.83 -9.02
N VAL D 127 -52.04 23.50 -8.03
CA VAL D 127 -52.10 22.98 -6.67
C VAL D 127 -53.27 21.99 -6.57
N TYR D 128 -53.12 20.98 -5.71
CA TYR D 128 -54.19 20.02 -5.41
C TYR D 128 -54.21 19.68 -3.92
N GLN D 129 -55.38 19.24 -3.43
CA GLN D 129 -55.58 18.92 -2.02
C GLN D 129 -55.99 17.45 -1.84
N LEU D 130 -55.09 16.66 -1.25
CA LEU D 130 -55.23 15.21 -1.13
C LEU D 130 -55.66 14.83 0.29
N ARG D 131 -56.60 13.89 0.39
CA ARG D 131 -57.20 13.50 1.67
C ARG D 131 -56.76 12.12 2.12
N ASP D 132 -56.64 11.95 3.45
CA ASP D 132 -56.30 10.68 4.08
C ASP D 132 -57.46 9.69 3.91
N SER D 133 -57.13 8.46 3.49
CA SER D 133 -58.15 7.41 3.32
C SER D 133 -58.78 6.99 4.66
N ASP D 134 -58.00 7.06 5.73
CA ASP D 134 -58.51 6.91 7.10
C ASP D 134 -58.59 8.26 7.78
N LYS D 138 -58.21 14.07 7.61
CA LYS D 138 -56.87 14.62 7.51
C LYS D 138 -56.49 14.90 6.05
N SER D 139 -55.76 16.00 5.83
CA SER D 139 -55.49 16.50 4.48
C SER D 139 -54.07 17.06 4.29
N VAL D 140 -53.58 16.99 3.05
CA VAL D 140 -52.28 17.57 2.64
C VAL D 140 -52.35 18.24 1.26
N CYS D 141 -51.44 19.18 1.03
CA CYS D 141 -51.37 19.94 -0.22
C CYS D 141 -50.23 19.46 -1.13
N LEU D 142 -50.39 19.71 -2.44
CA LEU D 142 -49.50 19.19 -3.48
C LEU D 142 -49.39 20.17 -4.65
N PHE D 143 -48.19 20.68 -4.88
CA PHE D 143 -47.89 21.59 -5.99
C PHE D 143 -47.08 20.81 -7.04
N THR D 144 -47.77 20.32 -8.08
CA THR D 144 -47.18 19.43 -9.11
C THR D 144 -47.28 20.01 -10.52
N ASP D 145 -46.73 19.27 -11.50
CA ASP D 145 -46.76 19.62 -12.94
C ASP D 145 -46.17 21.00 -13.29
N PHE D 146 -45.14 21.44 -12.56
CA PHE D 146 -44.55 22.76 -12.75
C PHE D 146 -43.18 22.63 -13.42
N ASP D 147 -42.75 23.67 -14.12
CA ASP D 147 -41.45 23.67 -14.82
C ASP D 147 -40.29 23.79 -13.82
N SER D 148 -39.10 23.39 -14.26
CA SER D 148 -37.91 23.33 -13.40
C SER D 148 -37.47 24.69 -12.81
N GLN D 149 -37.73 25.78 -13.55
CA GLN D 149 -37.38 27.13 -13.12
C GLN D 149 -38.35 27.61 -12.03
N ASP D 157 -43.14 30.35 8.87
CA ASP D 157 -44.01 29.76 9.88
C ASP D 157 -43.40 28.47 10.44
N SER D 158 -43.54 28.28 11.76
CA SER D 158 -42.96 27.13 12.46
C SER D 158 -43.78 25.84 12.30
N ASP D 159 -45.11 25.97 12.17
CA ASP D 159 -46.03 24.82 12.11
C ASP D 159 -46.50 24.40 10.70
N VAL D 160 -46.17 25.18 9.67
CA VAL D 160 -46.46 24.82 8.27
C VAL D 160 -45.21 24.18 7.65
N TYR D 161 -45.38 23.02 7.01
CA TYR D 161 -44.27 22.21 6.47
C TYR D 161 -44.26 22.21 4.94
N ILE D 162 -43.09 22.39 4.33
CA ILE D 162 -42.94 22.48 2.86
C ILE D 162 -41.72 21.66 2.39
N THR D 163 -41.94 20.66 1.53
CA THR D 163 -40.84 19.85 0.97
C THR D 163 -40.31 20.47 -0.33
N ASP D 164 -39.13 20.01 -0.74
CA ASP D 164 -38.43 20.53 -1.92
C ASP D 164 -38.83 19.75 -3.16
N LYS D 165 -38.24 20.10 -4.30
CA LYS D 165 -38.58 19.49 -5.59
C LYS D 165 -38.17 18.02 -5.69
N CYS D 166 -38.82 17.32 -6.62
CA CYS D 166 -38.70 15.86 -6.76
C CYS D 166 -39.24 15.46 -8.13
N VAL D 167 -38.51 14.63 -8.87
CA VAL D 167 -38.91 14.24 -10.23
C VAL D 167 -39.03 12.72 -10.37
N LEU D 168 -40.10 12.27 -11.02
CA LEU D 168 -40.39 10.85 -11.25
C LEU D 168 -40.41 10.52 -12.75
N ASP D 169 -40.55 9.24 -13.10
CA ASP D 169 -40.62 8.79 -14.50
C ASP D 169 -41.87 7.93 -14.75
N PHE D 175 -43.40 9.70 -19.21
CA PHE D 175 -43.77 11.04 -18.74
C PHE D 175 -43.04 11.42 -17.44
N LYS D 176 -42.55 12.66 -17.40
CA LYS D 176 -41.74 13.19 -16.29
C LYS D 176 -42.30 14.52 -15.80
N SER D 177 -42.69 14.58 -14.54
CA SER D 177 -43.24 15.80 -13.91
C SER D 177 -42.63 16.06 -12.54
N ASN D 178 -42.47 17.35 -12.21
CA ASN D 178 -42.01 17.75 -10.88
C ASN D 178 -43.14 17.64 -9.87
N SER D 179 -42.80 17.79 -8.60
CA SER D 179 -43.78 17.79 -7.51
C SER D 179 -43.18 18.29 -6.19
N ALA D 180 -44.05 18.68 -5.27
CA ALA D 180 -43.66 19.17 -3.95
C ALA D 180 -44.87 19.13 -3.02
N VAL D 181 -44.67 18.72 -1.77
CA VAL D 181 -45.76 18.51 -0.81
C VAL D 181 -45.65 19.54 0.32
N ALA D 182 -46.81 19.87 0.91
CA ALA D 182 -46.87 20.69 2.12
C ALA D 182 -47.30 19.82 3.32
N SER E 2 -10.57 -5.05 -9.87
CA SER E 2 -11.80 -4.69 -9.10
C SER E 2 -11.71 -5.29 -7.69
N ALA E 3 -11.48 -4.43 -6.71
CA ALA E 3 -11.43 -4.85 -5.31
C ALA E 3 -12.72 -4.42 -4.61
N VAL E 4 -13.54 -5.39 -4.21
CA VAL E 4 -14.77 -5.12 -3.44
C VAL E 4 -14.51 -5.15 -1.93
N ILE E 5 -15.21 -4.28 -1.21
CA ILE E 5 -14.94 -4.00 0.19
C ILE E 5 -16.23 -4.14 1.00
N SER E 6 -16.32 -5.21 1.79
CA SER E 6 -17.42 -5.38 2.73
C SER E 6 -17.12 -4.53 3.96
N GLN E 7 -18.13 -3.82 4.47
CA GLN E 7 -18.09 -3.20 5.79
C GLN E 7 -19.32 -3.65 6.59
N LYS E 8 -19.10 -4.11 7.82
CA LYS E 8 -20.14 -4.65 8.69
C LYS E 8 -19.81 -4.25 10.14
N PRO E 9 -20.68 -3.51 10.83
CA PRO E 9 -22.03 -3.15 10.43
C PRO E 9 -22.10 -2.02 9.38
N SER E 10 -23.32 -1.81 8.86
CA SER E 10 -23.62 -0.76 7.87
C SER E 10 -24.14 0.50 8.56
N ARG E 11 -25.11 0.31 9.45
CA ARG E 11 -25.73 1.39 10.21
C ARG E 11 -25.74 0.97 11.66
N ASP E 12 -25.49 1.92 12.57
CA ASP E 12 -25.55 1.63 14.00
C ASP E 12 -25.75 2.91 14.81
N ILE E 13 -26.66 2.83 15.77
CA ILE E 13 -26.98 3.93 16.68
C ILE E 13 -26.55 3.47 18.07
N LYS E 14 -25.64 4.24 18.68
CA LYS E 14 -25.11 3.96 20.02
C LYS E 14 -24.98 5.28 20.78
N GLN E 15 -24.62 5.21 22.06
CA GLN E 15 -24.71 6.38 22.97
C GLN E 15 -23.38 6.78 23.61
N ARG E 16 -23.33 8.04 24.05
CA ARG E 16 -22.12 8.63 24.65
C ARG E 16 -21.43 7.69 25.65
N GLY E 17 -20.15 7.45 25.45
CA GLY E 17 -19.39 6.56 26.33
C GLY E 17 -19.13 5.17 25.76
N THR E 18 -20.04 4.67 24.92
CA THR E 18 -19.86 3.34 24.31
C THR E 18 -18.76 3.33 23.23
N SER E 19 -18.50 2.16 22.65
CA SER E 19 -17.51 2.00 21.58
C SER E 19 -18.03 1.03 20.51
N LEU E 20 -17.93 1.46 19.24
CA LEU E 20 -18.28 0.61 18.10
C LEU E 20 -17.01 0.15 17.39
N THR E 21 -17.03 -1.11 16.97
CA THR E 21 -15.93 -1.72 16.24
C THR E 21 -16.44 -2.12 14.86
N ILE E 22 -16.04 -1.33 13.87
CA ILE E 22 -16.39 -1.51 12.47
C ILE E 22 -15.36 -2.43 11.82
N GLN E 23 -15.83 -3.39 11.03
CA GLN E 23 -14.97 -4.32 10.30
C GLN E 23 -14.85 -3.88 8.85
N CYS E 24 -13.78 -4.35 8.19
CA CYS E 24 -13.57 -4.15 6.75
C CYS E 24 -12.91 -5.38 6.12
N GLN E 25 -13.69 -6.16 5.36
CA GLN E 25 -13.18 -7.35 4.66
C GLN E 25 -12.99 -7.04 3.18
N VAL E 26 -12.02 -7.72 2.54
CA VAL E 26 -11.72 -7.52 1.13
C VAL E 26 -11.61 -8.89 0.44
N ASP E 27 -12.10 -8.97 -0.80
CA ASP E 27 -12.23 -10.25 -1.51
C ASP E 27 -10.90 -10.85 -1.94
N SER E 28 -9.88 -10.00 -2.10
CA SER E 28 -8.49 -10.46 -2.29
C SER E 28 -7.53 -9.70 -1.37
N GLN E 29 -6.29 -10.16 -1.30
CA GLN E 29 -5.25 -9.49 -0.51
C GLN E 29 -4.60 -8.32 -1.29
N VAL E 30 -4.49 -7.18 -0.61
CA VAL E 30 -4.18 -5.87 -1.21
C VAL E 30 -3.22 -5.06 -0.30
N THR E 31 -2.40 -4.21 -0.91
CA THR E 31 -1.24 -3.62 -0.23
C THR E 31 -1.58 -2.61 0.86
N MET E 32 -2.12 -1.46 0.48
CA MET E 32 -2.37 -0.36 1.42
C MET E 32 -3.80 -0.39 1.88
N MET E 33 -4.03 -0.06 3.15
CA MET E 33 -5.38 0.10 3.69
C MET E 33 -5.49 1.37 4.53
N PHE E 34 -6.59 2.11 4.37
CA PHE E 34 -6.78 3.38 5.06
C PHE E 34 -8.14 3.39 5.73
N TRP E 35 -8.30 4.28 6.71
CA TRP E 35 -9.58 4.50 7.37
C TRP E 35 -9.91 5.98 7.24
N TYR E 36 -10.99 6.25 6.49
CA TYR E 36 -11.45 7.60 6.22
C TYR E 36 -12.72 7.83 7.03
N ARG E 37 -13.04 9.10 7.22
CA ARG E 37 -14.23 9.54 7.94
C ARG E 37 -14.84 10.74 7.21
N GLN E 38 -16.11 10.65 6.80
CA GLN E 38 -16.77 11.74 6.08
C GLN E 38 -18.20 12.02 6.57
N GLN E 39 -18.52 13.32 6.63
CA GLN E 39 -19.87 13.81 6.89
C GLN E 39 -20.65 13.66 5.56
N PRO E 40 -21.99 13.46 5.61
CA PRO E 40 -22.75 13.40 4.34
C PRO E 40 -22.64 14.65 3.45
N GLY E 41 -22.26 14.44 2.18
CA GLY E 41 -22.09 15.51 1.19
C GLY E 41 -20.90 16.43 1.42
N GLN E 42 -19.86 15.90 2.08
CA GLN E 42 -18.72 16.69 2.57
C GLN E 42 -17.38 15.99 2.26
N SER E 43 -16.28 16.68 2.54
CA SER E 43 -14.93 16.20 2.21
C SER E 43 -14.51 14.99 3.05
N LEU E 44 -13.64 14.16 2.48
CA LEU E 44 -13.07 13.02 3.19
C LEU E 44 -12.00 13.49 4.14
N THR E 45 -12.01 12.93 5.35
CA THR E 45 -10.94 13.15 6.33
C THR E 45 -10.29 11.81 6.64
N LEU E 46 -8.99 11.70 6.37
CA LEU E 46 -8.22 10.50 6.65
C LEU E 46 -7.95 10.41 8.14
N ILE E 47 -8.35 9.28 8.75
CA ILE E 47 -8.03 9.00 10.14
C ILE E 47 -6.59 8.51 10.25
N ALA E 48 -6.31 7.40 9.58
CA ALA E 48 -5.05 6.68 9.74
C ALA E 48 -4.79 5.72 8.58
N THR E 49 -3.60 5.15 8.56
CA THR E 49 -3.18 4.19 7.56
C THR E 49 -2.99 2.86 8.27
N ALA E 50 -3.69 1.83 7.84
CA ALA E 50 -3.65 0.53 8.50
C ALA E 50 -2.48 -0.33 7.99
N ASN E 51 -1.41 -0.38 8.78
CA ASN E 51 -0.22 -1.15 8.46
C ASN E 51 -0.39 -2.60 8.92
N GLN E 52 -0.10 -3.54 8.04
CA GLN E 52 -0.14 -4.98 8.35
C GLN E 52 0.94 -5.33 9.37
N GLY E 53 0.51 -5.86 10.52
CA GLY E 53 1.43 -6.37 11.54
C GLY E 53 2.09 -5.37 12.48
N SER E 54 1.60 -4.12 12.49
CA SER E 54 2.09 -3.11 13.44
C SER E 54 1.03 -2.03 13.65
N GLU E 55 1.28 -1.12 14.58
CA GLU E 55 0.35 -0.01 14.85
C GLU E 55 0.13 0.83 13.59
N ALA E 56 -1.12 1.24 13.38
CA ALA E 56 -1.47 2.10 12.26
C ALA E 56 -0.81 3.47 12.42
N THR E 57 -0.46 4.09 11.29
CA THR E 57 0.08 5.45 11.27
C THR E 57 -1.10 6.42 11.29
N TYR E 58 -1.18 7.26 12.31
CA TYR E 58 -2.31 8.18 12.50
C TYR E 58 -2.04 9.56 11.92
N GLU E 59 -3.12 10.25 11.55
CA GLU E 59 -3.04 11.62 11.05
C GLU E 59 -3.23 12.58 12.21
N SER E 60 -2.75 13.82 12.04
CA SER E 60 -2.83 14.84 13.09
C SER E 60 -4.28 15.06 13.50
N GLY E 61 -4.54 15.04 14.81
CA GLY E 61 -5.90 15.10 15.35
C GLY E 61 -6.51 13.76 15.70
N PHE E 62 -5.83 12.65 15.40
CA PHE E 62 -6.35 11.30 15.66
C PHE E 62 -5.32 10.49 16.45
N VAL E 63 -5.75 9.89 17.57
CA VAL E 63 -4.86 9.19 18.50
C VAL E 63 -5.33 7.76 18.73
N ILE E 64 -4.38 6.83 18.83
CA ILE E 64 -4.64 5.38 19.00
C ILE E 64 -5.55 5.03 20.20
N ASP E 65 -5.45 5.79 21.27
CA ASP E 65 -6.27 5.59 22.48
C ASP E 65 -7.76 5.64 22.15
N LYS E 66 -8.12 6.64 21.34
CA LYS E 66 -9.51 6.82 20.86
C LYS E 66 -9.89 5.97 19.65
N PHE E 67 -8.94 5.75 18.73
CA PHE E 67 -9.22 5.06 17.46
C PHE E 67 -8.35 3.81 17.23
N PRO E 68 -8.54 2.75 18.03
CA PRO E 68 -7.76 1.54 17.80
C PRO E 68 -7.92 0.97 16.40
N ILE E 69 -6.81 0.65 15.74
CA ILE E 69 -6.83 -0.04 14.45
C ILE E 69 -5.99 -1.32 14.52
N SER E 70 -6.53 -2.37 13.90
CA SER E 70 -5.90 -3.68 13.86
C SER E 70 -5.96 -4.19 12.42
N ARG E 71 -4.86 -4.79 11.95
CA ARG E 71 -4.78 -5.37 10.62
C ARG E 71 -4.01 -6.71 10.61
N PRO E 72 -4.68 -7.81 11.02
CA PRO E 72 -4.05 -9.14 11.01
C PRO E 72 -3.65 -9.67 9.63
N ASN E 73 -4.59 -9.59 8.68
CA ASN E 73 -4.37 -10.00 7.30
C ASN E 73 -4.28 -8.74 6.45
N LEU E 74 -3.84 -8.91 5.22
CA LEU E 74 -3.99 -7.84 4.22
C LEU E 74 -5.45 -7.66 3.76
N THR E 75 -6.29 -8.69 3.93
CA THR E 75 -7.71 -8.63 3.57
C THR E 75 -8.62 -8.06 4.66
N PHE E 76 -8.19 -8.07 5.92
CA PHE E 76 -9.07 -7.75 7.04
C PHE E 76 -8.46 -6.69 7.95
N SER E 77 -9.31 -5.74 8.37
CA SER E 77 -8.93 -4.71 9.30
C SER E 77 -10.16 -4.29 10.09
N THR E 78 -9.95 -3.73 11.27
CA THR E 78 -11.02 -3.16 12.08
C THR E 78 -10.61 -1.77 12.51
N LEU E 79 -11.58 -0.86 12.59
CA LEU E 79 -11.43 0.41 13.30
C LEU E 79 -12.43 0.40 14.43
N THR E 80 -11.94 0.65 15.65
CA THR E 80 -12.79 0.88 16.81
C THR E 80 -12.79 2.37 17.06
N VAL E 81 -13.91 2.89 17.51
CA VAL E 81 -14.03 4.31 17.90
C VAL E 81 -14.55 4.35 19.34
N SER E 82 -13.67 4.74 20.27
CA SER E 82 -13.90 4.61 21.73
C SER E 82 -14.33 5.90 22.39
N ASN E 83 -15.18 5.76 23.41
CA ASN E 83 -15.71 6.90 24.19
C ASN E 83 -16.35 7.88 23.23
N MET E 84 -17.40 7.41 22.57
CA MET E 84 -18.04 8.16 21.49
C MET E 84 -18.77 9.39 22.01
N SER E 85 -18.98 10.35 21.12
CA SER E 85 -19.75 11.57 21.40
C SER E 85 -20.44 12.05 20.11
N PRO E 86 -21.46 12.92 20.22
CA PRO E 86 -22.20 13.43 19.04
C PRO E 86 -21.36 13.89 17.83
N GLU E 87 -20.19 14.48 18.07
CA GLU E 87 -19.32 14.96 17.00
C GLU E 87 -18.69 13.81 16.20
N ASP E 88 -18.45 12.68 16.86
CA ASP E 88 -17.94 11.47 16.19
C ASP E 88 -18.95 10.81 15.24
N SER E 89 -20.22 11.22 15.32
CA SER E 89 -21.22 10.80 14.34
C SER E 89 -20.82 11.22 12.92
N SER E 90 -20.64 10.23 12.05
CA SER E 90 -20.41 10.45 10.62
C SER E 90 -20.37 9.10 9.87
N ILE E 91 -19.97 9.13 8.59
CA ILE E 91 -19.76 7.91 7.82
C ILE E 91 -18.29 7.52 7.92
N TYR E 92 -18.03 6.26 8.26
CA TYR E 92 -16.68 5.73 8.40
C TYR E 92 -16.38 4.83 7.21
N LEU E 93 -15.37 5.23 6.42
CA LEU E 93 -15.03 4.56 5.17
C LEU E 93 -13.71 3.81 5.27
N CYS E 94 -13.73 2.57 4.83
CA CYS E 94 -12.53 1.76 4.65
C CYS E 94 -12.07 1.90 3.21
N SER E 95 -10.89 2.47 2.98
CA SER E 95 -10.31 2.60 1.63
C SER E 95 -9.15 1.62 1.45
N VAL E 96 -8.87 1.27 0.20
CA VAL E 96 -7.90 0.21 -0.12
C VAL E 96 -7.21 0.55 -1.46
N GLY E 97 -5.99 0.03 -1.66
CA GLY E 97 -5.27 0.18 -2.93
C GLY E 97 -3.80 -0.23 -2.90
N GLY E 98 -3.22 -0.40 -4.08
CA GLY E 98 -1.80 -0.72 -4.21
C GLY E 98 -0.88 0.48 -3.93
N SER E 99 0.39 0.20 -3.71
CA SER E 99 1.42 1.24 -3.54
C SER E 99 2.09 1.67 -4.85
N GLY E 100 1.52 1.27 -5.99
CA GLY E 100 2.04 1.68 -7.30
C GLY E 100 1.63 3.09 -7.65
N GLY E 101 2.40 3.72 -8.54
CA GLY E 101 2.12 5.09 -8.97
C GLY E 101 0.76 5.23 -9.63
N ALA E 102 0.53 4.37 -10.62
CA ALA E 102 -0.73 4.38 -11.38
C ALA E 102 -1.92 3.76 -10.63
N ASP E 103 -1.66 2.96 -9.60
CA ASP E 103 -2.71 2.14 -8.94
C ASP E 103 -3.86 2.99 -8.38
N THR E 104 -5.08 2.50 -8.55
CA THR E 104 -6.27 3.24 -8.16
C THR E 104 -6.61 2.97 -6.69
N GLN E 105 -7.09 4.02 -6.01
CA GLN E 105 -7.49 3.92 -4.61
C GLN E 105 -9.01 3.73 -4.50
N TYR E 106 -9.42 2.53 -4.06
CA TYR E 106 -10.83 2.18 -3.91
C TYR E 106 -11.38 2.51 -2.52
N PHE E 107 -12.68 2.79 -2.45
CA PHE E 107 -13.42 3.02 -1.20
C PHE E 107 -14.49 1.95 -0.98
N GLY E 108 -15.15 1.99 0.16
CA GLY E 108 -16.15 0.99 0.55
C GLY E 108 -17.48 1.63 0.95
N PRO E 109 -18.52 0.79 1.16
CA PRO E 109 -19.92 1.26 1.30
C PRO E 109 -20.15 2.28 2.40
N GLY E 110 -19.31 2.26 3.44
CA GLY E 110 -19.39 3.22 4.53
C GLY E 110 -20.14 2.61 5.67
N THR E 111 -20.02 3.25 6.83
CA THR E 111 -20.71 2.84 8.03
C THR E 111 -21.25 4.09 8.71
N ARG E 112 -22.58 4.19 8.77
CA ARG E 112 -23.24 5.35 9.38
C ARG E 112 -23.24 5.16 10.90
N LEU E 113 -22.63 6.10 11.60
CA LEU E 113 -22.59 6.10 13.05
C LEU E 113 -23.33 7.33 13.54
N THR E 114 -24.44 7.10 14.24
CA THR E 114 -25.18 8.17 14.92
C THR E 114 -24.93 7.99 16.41
N VAL E 115 -24.33 9.01 17.04
CA VAL E 115 -24.02 8.98 18.46
C VAL E 115 -24.93 9.96 19.19
N LEU E 116 -25.64 9.47 20.20
CA LEU E 116 -26.65 10.25 20.92
C LEU E 116 -26.36 10.30 22.43
N GLU E 117 -26.83 11.36 23.08
CA GLU E 117 -26.74 11.50 24.53
C GLU E 117 -27.91 10.72 25.15
N ASP E 118 -29.13 11.13 24.81
CA ASP E 118 -30.36 10.42 25.24
C ASP E 118 -30.79 9.43 24.15
N LEU E 119 -30.68 8.13 24.47
CA LEU E 119 -31.20 7.08 23.60
C LEU E 119 -32.73 6.89 23.73
N LYS E 120 -33.35 7.54 24.73
CA LYS E 120 -34.82 7.51 24.89
C LYS E 120 -35.61 8.38 23.89
N ASN E 121 -34.92 9.26 23.17
CA ASN E 121 -35.54 10.08 22.10
C ASN E 121 -35.71 9.36 20.75
N VAL E 122 -35.24 8.11 20.65
CA VAL E 122 -35.39 7.30 19.45
C VAL E 122 -36.84 6.82 19.35
N PHE E 123 -37.60 7.39 18.41
CA PHE E 123 -38.97 6.96 18.11
C PHE E 123 -39.11 6.62 16.63
N PRO E 124 -39.95 5.61 16.28
CA PRO E 124 -40.18 5.24 14.87
C PRO E 124 -41.18 6.17 14.15
N PRO E 125 -41.35 6.02 12.83
CA PRO E 125 -42.22 6.90 12.06
C PRO E 125 -43.67 6.43 12.01
N GLU E 126 -44.58 7.38 11.83
CA GLU E 126 -45.99 7.10 11.55
C GLU E 126 -46.25 7.36 10.07
N VAL E 127 -46.68 6.32 9.36
CA VAL E 127 -46.90 6.36 7.92
C VAL E 127 -48.39 6.50 7.61
N ALA E 128 -48.76 7.64 7.03
CA ALA E 128 -50.13 7.89 6.57
C ALA E 128 -50.12 8.14 5.06
N VAL E 129 -50.97 7.42 4.33
CA VAL E 129 -51.11 7.57 2.87
C VAL E 129 -52.27 8.52 2.57
N PHE E 130 -52.12 9.31 1.49
CA PHE E 130 -53.15 10.27 1.05
C PHE E 130 -53.63 9.94 -0.37
N GLU E 131 -54.94 10.02 -0.58
CA GLU E 131 -55.58 9.66 -1.86
C GLU E 131 -55.51 10.81 -2.88
N PRO E 132 -55.54 10.48 -4.19
CA PRO E 132 -55.52 11.53 -5.22
C PRO E 132 -56.86 12.25 -5.30
N SER E 133 -56.82 13.57 -5.58
CA SER E 133 -58.04 14.37 -5.70
C SER E 133 -58.76 14.12 -7.03
N GLU E 134 -60.07 14.29 -7.03
CA GLU E 134 -60.89 14.16 -8.25
C GLU E 134 -60.57 15.28 -9.26
N ALA E 135 -60.10 16.43 -8.75
CA ALA E 135 -59.67 17.56 -9.60
C ALA E 135 -58.47 17.22 -10.48
N GLU E 136 -57.50 16.48 -9.95
CA GLU E 136 -56.32 16.04 -10.70
C GLU E 136 -56.66 15.00 -11.77
N ILE E 137 -57.61 14.11 -11.47
CA ILE E 137 -58.07 13.09 -12.42
C ILE E 137 -58.74 13.75 -13.64
N SER E 138 -59.54 14.79 -13.39
CA SER E 138 -60.20 15.57 -14.44
C SER E 138 -59.21 16.35 -15.31
N HIS E 139 -58.22 16.97 -14.67
CA HIS E 139 -57.30 17.89 -15.34
C HIS E 139 -56.26 17.17 -16.21
N THR E 140 -55.66 16.10 -15.68
CA THR E 140 -54.49 15.43 -16.28
C THR E 140 -54.69 13.97 -16.72
N GLN E 141 -55.83 13.37 -16.37
CA GLN E 141 -56.08 11.93 -16.53
C GLN E 141 -55.08 11.06 -15.76
N LYS E 142 -54.59 11.60 -14.64
CA LYS E 142 -53.55 10.95 -13.83
C LYS E 142 -53.91 11.03 -12.36
N ALA E 143 -53.21 10.24 -11.55
CA ALA E 143 -53.47 10.13 -10.12
C ALA E 143 -52.15 10.06 -9.34
N THR E 144 -51.91 11.06 -8.49
CA THR E 144 -50.71 11.12 -7.65
C THR E 144 -51.06 10.71 -6.22
N LEU E 145 -50.43 9.62 -5.75
CA LEU E 145 -50.51 9.20 -4.34
C LEU E 145 -49.41 9.90 -3.56
N VAL E 146 -49.69 10.23 -2.29
CA VAL E 146 -48.70 10.86 -1.39
C VAL E 146 -48.59 10.08 -0.07
N CYS E 147 -47.36 9.95 0.42
CA CYS E 147 -47.05 9.22 1.66
C CYS E 147 -46.19 10.11 2.57
N LEU E 148 -46.66 10.33 3.80
CA LEU E 148 -45.92 11.12 4.79
C LEU E 148 -45.47 10.27 5.99
N ALA E 149 -44.15 10.11 6.12
CA ALA E 149 -43.53 9.60 7.35
C ALA E 149 -43.38 10.78 8.29
N THR E 150 -43.76 10.58 9.55
CA THR E 150 -43.76 11.66 10.54
C THR E 150 -43.38 11.15 11.93
N GLY E 151 -42.69 12.02 12.68
CA GLY E 151 -42.41 11.79 14.09
C GLY E 151 -41.38 10.72 14.37
N PHE E 152 -40.24 10.78 13.66
CA PHE E 152 -39.16 9.81 13.84
C PHE E 152 -37.80 10.47 14.08
N TYR E 153 -36.93 9.73 14.77
CA TYR E 153 -35.58 10.16 15.11
C TYR E 153 -34.74 8.89 15.33
N PRO E 154 -33.48 8.81 14.86
CA PRO E 154 -32.79 9.84 14.09
C PRO E 154 -33.26 9.92 12.61
N ASP E 155 -32.52 10.67 11.78
CA ASP E 155 -33.01 11.09 10.46
C ASP E 155 -33.03 10.05 9.33
N HIS E 156 -32.40 8.88 9.52
CA HIS E 156 -32.18 7.94 8.41
C HIS E 156 -33.27 6.86 8.27
N VAL E 157 -34.03 6.94 7.16
CA VAL E 157 -35.06 5.96 6.77
C VAL E 157 -35.01 5.71 5.26
N GLU E 158 -35.67 4.64 4.79
CA GLU E 158 -35.71 4.29 3.37
C GLU E 158 -37.13 4.00 2.88
N LEU E 159 -37.71 4.98 2.20
CA LEU E 159 -39.11 4.90 1.76
C LEU E 159 -39.23 4.27 0.35
N SER E 160 -40.17 3.34 0.21
CA SER E 160 -40.43 2.66 -1.07
C SER E 160 -41.90 2.25 -1.20
N TRP E 161 -42.39 2.18 -2.44
CA TRP E 161 -43.78 1.82 -2.75
C TRP E 161 -43.90 0.40 -3.32
N TRP E 162 -44.95 -0.32 -2.94
CA TRP E 162 -45.24 -1.66 -3.44
C TRP E 162 -46.67 -1.73 -4.01
N VAL E 163 -46.79 -2.00 -5.32
CA VAL E 163 -48.09 -2.10 -6.02
C VAL E 163 -48.44 -3.56 -6.32
N ASN E 164 -49.62 -4.00 -5.87
CA ASN E 164 -50.07 -5.41 -5.93
C ASN E 164 -49.11 -6.37 -5.19
N GLY E 165 -48.55 -5.91 -4.08
CA GLY E 165 -47.55 -6.67 -3.33
C GLY E 165 -46.18 -6.82 -3.99
N LYS E 166 -45.86 -5.95 -4.95
CA LYS E 166 -44.58 -5.98 -5.67
C LYS E 166 -44.04 -4.57 -5.88
N GLU E 167 -42.73 -4.42 -5.66
CA GLU E 167 -42.08 -3.10 -5.61
C GLU E 167 -42.01 -2.43 -6.98
N VAL E 168 -41.99 -1.09 -6.98
CA VAL E 168 -41.87 -0.29 -8.19
C VAL E 168 -40.93 0.91 -7.95
N HIS E 169 -40.00 1.11 -8.88
CA HIS E 169 -39.09 2.28 -8.90
C HIS E 169 -39.57 3.38 -9.86
N SER E 170 -40.28 3.01 -10.93
CA SER E 170 -40.73 3.96 -11.96
C SER E 170 -42.02 4.66 -11.56
N GLY E 171 -42.06 5.98 -11.79
CA GLY E 171 -43.18 6.84 -11.38
C GLY E 171 -43.18 7.20 -9.90
N VAL E 172 -42.07 6.94 -9.22
CA VAL E 172 -41.94 7.13 -7.77
C VAL E 172 -40.98 8.30 -7.50
N CYS E 173 -41.17 8.95 -6.36
CA CYS E 173 -40.24 9.99 -5.91
C CYS E 173 -40.27 10.14 -4.40
N THR E 174 -39.10 10.07 -3.78
CA THR E 174 -38.91 10.38 -2.35
C THR E 174 -38.01 11.62 -2.24
N ASP E 175 -38.24 12.46 -1.23
CA ASP E 175 -37.45 13.70 -1.06
C ASP E 175 -35.94 13.45 -0.97
N PRO E 176 -35.11 14.46 -1.33
CA PRO E 176 -33.65 14.34 -1.14
C PRO E 176 -33.25 14.09 0.32
N GLN E 177 -33.80 14.92 1.22
CA GLN E 177 -33.58 14.80 2.66
C GLN E 177 -34.89 15.06 3.44
N PRO E 178 -35.05 14.46 4.63
CA PRO E 178 -36.20 14.77 5.48
C PRO E 178 -36.09 16.15 6.14
N LEU E 179 -37.21 16.66 6.63
CA LEU E 179 -37.31 18.01 7.22
C LEU E 179 -37.48 17.98 8.73
N LYS E 180 -36.90 18.97 9.41
CA LYS E 180 -37.02 19.09 10.87
C LYS E 180 -38.41 19.59 11.26
N GLU E 181 -39.11 18.83 12.10
CA GLU E 181 -40.46 19.18 12.56
C GLU E 181 -40.47 20.38 13.51
N GLN E 182 -39.47 20.44 14.40
CA GLN E 182 -39.23 21.62 15.25
C GLN E 182 -37.83 22.17 14.93
N PRO E 183 -37.72 23.08 13.92
CA PRO E 183 -36.40 23.59 13.47
C PRO E 183 -35.54 24.29 14.54
N ALA E 184 -36.18 24.90 15.54
CA ALA E 184 -35.47 25.67 16.58
C ALA E 184 -34.68 24.82 17.58
N LEU E 185 -35.26 23.69 18.01
CA LEU E 185 -34.61 22.79 18.98
C LEU E 185 -33.27 22.24 18.50
N ASN E 186 -32.43 21.82 19.44
CA ASN E 186 -31.08 21.31 19.16
C ASN E 186 -31.12 20.05 18.30
N ASP E 187 -31.90 19.06 18.75
CA ASP E 187 -32.12 17.81 18.02
C ASP E 187 -33.60 17.41 18.09
N SER E 188 -34.37 17.87 17.09
CA SER E 188 -35.79 17.54 16.97
C SER E 188 -36.02 16.33 16.08
N ARG E 189 -37.27 15.86 16.04
CA ARG E 189 -37.67 14.75 15.16
C ARG E 189 -37.75 15.20 13.70
N TYR E 190 -37.84 14.20 12.80
CA TYR E 190 -37.84 14.43 11.36
C TYR E 190 -39.15 13.99 10.69
N ALA E 191 -39.42 14.55 9.50
CA ALA E 191 -40.57 14.17 8.66
C ALA E 191 -40.12 14.01 7.22
N LEU E 192 -40.71 13.04 6.51
CA LEU E 192 -40.37 12.75 5.11
C LEU E 192 -41.63 12.53 4.28
N SER E 193 -41.60 13.02 3.04
CA SER E 193 -42.69 12.81 2.09
C SER E 193 -42.22 12.00 0.89
N SER E 194 -43.18 11.46 0.15
CA SER E 194 -42.91 10.71 -1.08
C SER E 194 -44.15 10.71 -2.01
N ARG E 195 -43.91 10.60 -3.31
CA ARG E 195 -44.98 10.57 -4.33
C ARG E 195 -44.94 9.33 -5.20
N LEU E 196 -46.12 8.91 -5.67
CA LEU E 196 -46.29 7.84 -6.66
C LEU E 196 -47.37 8.27 -7.66
N ARG E 197 -47.10 8.15 -8.97
CA ARG E 197 -48.07 8.54 -10.02
C ARG E 197 -48.34 7.46 -11.05
N VAL E 198 -49.59 7.42 -11.54
CA VAL E 198 -50.08 6.34 -12.42
C VAL E 198 -51.14 6.89 -13.39
N SER E 199 -51.79 6.01 -14.15
CA SER E 199 -53.00 6.35 -14.92
C SER E 199 -54.21 6.53 -14.01
N ALA E 200 -55.21 7.26 -14.51
CA ALA E 200 -56.48 7.45 -13.80
C ALA E 200 -57.26 6.13 -13.67
N THR E 201 -57.33 5.38 -14.78
CA THR E 201 -57.97 4.06 -14.81
C THR E 201 -57.28 3.01 -13.92
N PHE E 202 -55.97 3.19 -13.68
CA PHE E 202 -55.21 2.35 -12.74
C PHE E 202 -55.74 2.53 -11.31
N TRP E 203 -55.92 3.79 -10.89
CA TRP E 203 -56.44 4.12 -9.54
C TRP E 203 -57.94 3.80 -9.38
N GLN E 204 -58.74 4.14 -10.41
CA GLN E 204 -60.19 3.89 -10.40
C GLN E 204 -60.56 2.41 -10.27
N ASP E 205 -59.71 1.54 -10.80
CA ASP E 205 -59.79 0.09 -10.62
C ASP E 205 -59.67 -0.24 -9.12
N PRO E 206 -60.79 -0.62 -8.47
CA PRO E 206 -60.77 -0.81 -7.01
C PRO E 206 -60.06 -2.10 -6.56
N ARG E 207 -59.84 -3.04 -7.48
CA ARG E 207 -59.12 -4.28 -7.19
C ARG E 207 -57.60 -4.06 -7.05
N ASN E 208 -57.08 -2.92 -7.52
CA ASN E 208 -55.66 -2.56 -7.33
C ASN E 208 -55.30 -2.26 -5.88
N HIS E 209 -54.04 -2.49 -5.54
CA HIS E 209 -53.51 -2.34 -4.18
C HIS E 209 -52.32 -1.37 -4.17
N PHE E 210 -52.35 -0.41 -3.24
CA PHE E 210 -51.32 0.64 -3.14
C PHE E 210 -50.82 0.74 -1.70
N ARG E 211 -49.51 0.50 -1.49
CA ARG E 211 -48.90 0.51 -0.15
C ARG E 211 -47.59 1.28 -0.14
N CYS E 212 -47.39 2.08 0.91
CA CYS E 212 -46.15 2.81 1.16
C CYS E 212 -45.37 2.11 2.28
N GLN E 213 -44.06 1.91 2.07
CA GLN E 213 -43.20 1.17 3.00
C GLN E 213 -41.99 1.99 3.43
N VAL E 214 -41.86 2.23 4.74
CA VAL E 214 -40.73 2.97 5.30
C VAL E 214 -39.94 2.05 6.24
N GLN E 215 -38.70 1.76 5.85
CA GLN E 215 -37.73 1.09 6.71
C GLN E 215 -37.19 2.13 7.69
N PHE E 216 -37.44 1.91 8.98
CA PHE E 216 -36.87 2.74 10.04
C PHE E 216 -35.78 1.97 10.75
N TYR E 217 -34.53 2.40 10.57
CA TYR E 217 -33.39 1.86 11.32
C TYR E 217 -33.30 2.58 12.67
N GLY E 218 -33.39 1.81 13.75
CA GLY E 218 -33.33 2.34 15.12
C GLY E 218 -32.37 1.53 15.98
N LEU E 219 -32.89 0.99 17.09
CA LEU E 219 -32.10 0.19 18.01
C LEU E 219 -32.08 -1.28 17.59
N SER E 220 -31.31 -2.08 18.31
CA SER E 220 -31.27 -3.53 18.13
C SER E 220 -31.87 -4.21 19.35
N GLU E 221 -32.06 -5.52 19.28
CA GLU E 221 -32.58 -6.29 20.42
C GLU E 221 -31.57 -6.48 21.57
N ASN E 222 -30.29 -6.23 21.27
CA ASN E 222 -29.22 -6.21 22.29
C ASN E 222 -29.14 -4.89 23.10
N ASP E 223 -29.97 -3.90 22.73
CA ASP E 223 -30.18 -2.69 23.55
C ASP E 223 -31.18 -2.94 24.68
N GLU E 224 -31.33 -1.97 25.58
CA GLU E 224 -32.11 -2.13 26.81
C GLU E 224 -33.61 -2.30 26.54
N ALA E 230 -43.15 1.13 24.06
CA ALA E 230 -42.61 -0.04 23.38
C ALA E 230 -41.14 0.16 22.98
N LYS E 231 -40.50 -0.92 22.57
CA LYS E 231 -39.09 -0.91 22.16
C LYS E 231 -38.96 -0.26 20.78
N PRO E 232 -38.26 0.90 20.68
CA PRO E 232 -38.12 1.53 19.36
C PRO E 232 -37.07 0.82 18.49
N VAL E 233 -37.40 -0.42 18.12
CA VAL E 233 -36.48 -1.33 17.44
C VAL E 233 -36.47 -1.02 15.94
N THR E 234 -35.44 -1.50 15.24
CA THR E 234 -35.39 -1.44 13.78
C THR E 234 -36.58 -2.21 13.20
N GLN E 235 -37.30 -1.57 12.28
CA GLN E 235 -38.61 -2.08 11.81
C GLN E 235 -39.02 -1.49 10.47
N ILE E 236 -40.17 -1.97 9.97
CA ILE E 236 -40.85 -1.41 8.82
C ILE E 236 -42.22 -0.89 9.28
N VAL E 237 -42.65 0.25 8.74
CA VAL E 237 -44.00 0.81 8.99
C VAL E 237 -44.68 0.99 7.63
N SER E 238 -45.96 0.62 7.57
CA SER E 238 -46.71 0.55 6.30
C SER E 238 -48.19 0.90 6.45
N ALA E 239 -48.73 1.59 5.44
CA ALA E 239 -50.17 1.95 5.38
C ALA E 239 -50.69 1.81 3.94
N GLU E 240 -51.97 1.44 3.81
CA GLU E 240 -52.55 0.99 2.53
C GLU E 240 -53.73 1.84 2.08
N ALA E 241 -54.15 1.64 0.82
CA ALA E 241 -55.34 2.31 0.27
C ALA E 241 -55.86 1.59 -0.97
#